data_7SZH
#
_entry.id   7SZH
#
_cell.length_a   153.282
_cell.length_b   158.470
_cell.length_c   115.839
_cell.angle_alpha   90.000
_cell.angle_beta   90.000
_cell.angle_gamma   90.000
#
_symmetry.space_group_name_H-M   'C 2 2 2'
#
loop_
_entity.id
_entity.type
_entity.pdbx_description
1 polymer SxtT
2 non-polymer 'FE2/S2 (INORGANIC) CLUSTER'
3 non-polymer GLYCEROL
4 non-polymer beta-Saxitoxinol
5 non-polymer 'FE (III) ION'
6 non-polymer 'SULFATE ION'
7 non-polymer 'CHLORIDE ION'
8 water water
#
_entity_poly.entity_id   1
_entity_poly.type   'polypeptide(L)'
_entity_poly.pdbx_seq_one_letter_code
;MTTADLILINNWHVVANVEDCKPGSITTARLLGVKLVLWRSQEQNSPIQVWQDYCPHRGVPLSMGEVANNTLVCPYHGWR
YNQAGKCVQIPAHPDMVPPASAQAKTYHCQERYGLVWVCLGNPVNDIPSFPEWDDPNYHKTYTKSYLIQASPFRVMDNSI
DVSHFPFIHDGWLGDRNYTKVEDFEVKVDKDGLTMGKYQFQTSRIVSHIEDDSWVNWFRLSHPLCQYCVSESPEMRIVDL
MTIAPIDEDNSVLRMLIMWNGSEMLESKMLTEYDETIEQDIRILHSQQPARLPLLAPKQINTQGLPQEIHVPSDRGTVAY
RRWLKELGVTYGVC
;
_entity_poly.pdbx_strand_id   A,B,C
#
# COMPACT_ATOMS: atom_id res chain seq x y z
N THR A 3 -19.92 -2.93 -3.21
CA THR A 3 -20.97 -3.50 -4.05
C THR A 3 -21.89 -2.40 -4.58
N ALA A 4 -22.17 -2.48 -5.88
CA ALA A 4 -22.74 -1.37 -6.63
C ALA A 4 -24.25 -1.28 -6.43
N ASP A 5 -24.82 -0.25 -7.05
CA ASP A 5 -26.29 -0.04 -7.02
C ASP A 5 -26.98 -0.95 -8.03
N LEU A 6 -28.28 -1.20 -7.83
CA LEU A 6 -29.02 -2.13 -8.71
C LEU A 6 -29.14 -1.58 -10.12
N ILE A 7 -29.12 -0.26 -10.29
CA ILE A 7 -29.12 0.33 -11.66
C ILE A 7 -27.87 -0.14 -12.41
N LEU A 8 -26.72 -0.21 -11.73
CA LEU A 8 -25.53 -0.73 -12.39
C LEU A 8 -25.55 -2.25 -12.48
N ILE A 9 -26.05 -2.92 -11.44
CA ILE A 9 -25.99 -4.38 -11.40
C ILE A 9 -26.86 -4.99 -12.49
N ASN A 10 -28.04 -4.40 -12.74
CA ASN A 10 -28.96 -4.91 -13.75
C ASN A 10 -28.74 -4.31 -15.14
N ASN A 11 -27.55 -3.81 -15.41
CA ASN A 11 -27.23 -3.29 -16.74
C ASN A 11 -26.13 -4.12 -17.39
N TRP A 12 -25.99 -3.95 -18.70
CA TRP A 12 -24.97 -4.63 -19.49
C TRP A 12 -23.70 -3.79 -19.54
N HIS A 13 -22.54 -4.42 -19.31
CA HIS A 13 -21.25 -3.76 -19.41
C HIS A 13 -20.28 -4.59 -20.25
N VAL A 14 -19.52 -3.91 -21.10
CA VAL A 14 -18.47 -4.60 -21.86
C VAL A 14 -17.32 -4.94 -20.93
N VAL A 15 -16.86 -6.19 -20.99
CA VAL A 15 -15.70 -6.59 -20.18
C VAL A 15 -14.54 -7.09 -21.02
N ALA A 16 -14.75 -7.30 -22.32
CA ALA A 16 -13.71 -7.82 -23.20
C ALA A 16 -14.13 -7.62 -24.63
N ASN A 17 -13.15 -7.72 -25.53
CA ASN A 17 -13.40 -7.85 -26.96
C ASN A 17 -13.49 -9.33 -27.29
N VAL A 18 -14.40 -9.68 -28.20
CA VAL A 18 -14.59 -11.09 -28.51
C VAL A 18 -13.31 -11.70 -29.06
N GLU A 19 -12.46 -10.89 -29.70
CA GLU A 19 -11.17 -11.40 -30.15
C GLU A 19 -10.23 -11.75 -28.99
N ASP A 20 -10.47 -11.23 -27.79
CA ASP A 20 -9.67 -11.60 -26.63
C ASP A 20 -9.94 -13.04 -26.15
N CYS A 21 -11.00 -13.67 -26.62
CA CYS A 21 -11.48 -14.94 -26.04
C CYS A 21 -11.46 -16.01 -27.14
N LYS A 22 -10.33 -16.67 -27.29
CA LYS A 22 -10.18 -17.72 -28.27
C LYS A 22 -10.81 -19.02 -27.78
N PRO A 23 -11.10 -19.96 -28.69
CA PRO A 23 -11.64 -21.25 -28.24
C PRO A 23 -10.64 -21.97 -27.35
N GLY A 24 -11.17 -22.57 -26.29
CA GLY A 24 -10.35 -23.23 -25.29
C GLY A 24 -9.69 -22.30 -24.28
N SER A 25 -9.93 -20.99 -24.35
CA SER A 25 -9.15 -20.04 -23.57
C SER A 25 -9.84 -19.70 -22.25
N ILE A 26 -9.02 -19.21 -21.31
CA ILE A 26 -9.49 -18.65 -20.06
C ILE A 26 -8.94 -17.23 -19.97
N THR A 27 -9.80 -16.27 -19.70
CA THR A 27 -9.32 -14.92 -19.42
C THR A 27 -10.05 -14.40 -18.19
N THR A 28 -9.59 -13.27 -17.68
CA THR A 28 -10.19 -12.69 -16.48
C THR A 28 -10.61 -11.26 -16.75
N ALA A 29 -11.51 -10.77 -15.91
CA ALA A 29 -11.92 -9.38 -15.92
C ALA A 29 -12.42 -9.05 -14.51
N ARG A 30 -12.63 -7.76 -14.26
CA ARG A 30 -13.23 -7.30 -13.01
C ARG A 30 -14.37 -6.35 -13.33
N LEU A 31 -15.51 -6.52 -12.66
CA LEU A 31 -16.67 -5.68 -12.93
C LEU A 31 -17.36 -5.38 -11.62
N LEU A 32 -17.47 -4.08 -11.31
CA LEU A 32 -18.19 -3.64 -10.11
C LEU A 32 -17.69 -4.37 -8.86
N GLY A 33 -16.37 -4.51 -8.76
CA GLY A 33 -15.77 -5.21 -7.63
C GLY A 33 -15.81 -6.72 -7.67
N VAL A 34 -16.43 -7.32 -8.69
CA VAL A 34 -16.56 -8.76 -8.82
C VAL A 34 -15.46 -9.27 -9.75
N LYS A 35 -14.73 -10.29 -9.30
CA LYS A 35 -13.77 -10.94 -10.19
C LYS A 35 -14.44 -11.95 -11.09
N LEU A 36 -14.16 -11.86 -12.39
CA LEU A 36 -14.82 -12.68 -13.40
C LEU A 36 -13.82 -13.60 -14.09
N VAL A 37 -14.30 -14.80 -14.43
CA VAL A 37 -13.58 -15.69 -15.32
C VAL A 37 -14.41 -15.87 -16.58
N LEU A 38 -13.76 -15.76 -17.73
CA LEU A 38 -14.38 -15.95 -19.04
C LEU A 38 -13.73 -17.15 -19.69
N TRP A 39 -14.53 -18.10 -20.16
CA TRP A 39 -13.91 -19.26 -20.79
C TRP A 39 -14.78 -19.80 -21.90
N ARG A 40 -14.14 -20.51 -22.83
CA ARG A 40 -14.79 -21.15 -23.96
C ARG A 40 -14.23 -22.54 -24.12
N SER A 41 -15.07 -23.48 -24.54
CA SER A 41 -14.58 -24.77 -24.98
C SER A 41 -13.86 -24.61 -26.32
N GLN A 42 -13.22 -25.70 -26.75
CA GLN A 42 -12.49 -25.76 -28.02
C GLN A 42 -13.42 -25.86 -29.22
N GLU A 43 -14.69 -26.17 -29.01
CA GLU A 43 -15.60 -26.38 -30.13
C GLU A 43 -15.75 -25.11 -30.97
N GLN A 44 -15.94 -25.30 -32.27
CA GLN A 44 -16.06 -24.16 -33.16
C GLN A 44 -17.27 -23.32 -32.78
N ASN A 45 -17.06 -22.00 -32.71
CA ASN A 45 -18.11 -21.04 -32.36
C ASN A 45 -18.70 -21.31 -31.00
N SER A 46 -17.91 -21.85 -30.07
CA SER A 46 -18.44 -22.16 -28.76
C SER A 46 -18.84 -20.86 -28.05
N PRO A 47 -19.82 -20.92 -27.15
CA PRO A 47 -20.21 -19.73 -26.40
C PRO A 47 -19.19 -19.41 -25.33
N ILE A 48 -19.22 -18.14 -24.92
CA ILE A 48 -18.40 -17.66 -23.81
C ILE A 48 -19.18 -17.79 -22.52
N GLN A 49 -18.61 -18.48 -21.53
CA GLN A 49 -19.15 -18.47 -20.19
C GLN A 49 -18.49 -17.36 -19.39
N VAL A 50 -19.28 -16.67 -18.58
CA VAL A 50 -18.75 -15.63 -17.68
C VAL A 50 -19.26 -15.94 -16.29
N TRP A 51 -18.34 -16.29 -15.39
CA TRP A 51 -18.70 -16.69 -14.04
C TRP A 51 -17.89 -15.87 -13.05
N GLN A 52 -18.34 -15.87 -11.79
CA GLN A 52 -17.51 -15.33 -10.73
C GLN A 52 -16.29 -16.24 -10.59
N ASP A 53 -15.10 -15.63 -10.48
CA ASP A 53 -13.83 -16.35 -10.55
C ASP A 53 -13.53 -16.95 -9.18
N TYR A 54 -14.20 -18.06 -8.88
CA TYR A 54 -14.22 -18.56 -7.50
C TYR A 54 -14.78 -19.97 -7.40
N CYS A 55 -13.98 -20.91 -6.89
CA CYS A 55 -14.43 -22.27 -6.64
C CYS A 55 -15.00 -22.35 -5.22
N PRO A 56 -16.25 -22.76 -5.05
CA PRO A 56 -16.86 -22.75 -3.71
C PRO A 56 -16.33 -23.82 -2.77
N HIS A 57 -15.48 -24.71 -3.25
CA HIS A 57 -14.92 -25.73 -2.36
C HIS A 57 -13.96 -25.11 -1.33
N ARG A 58 -12.81 -24.58 -1.79
CA ARG A 58 -11.83 -23.93 -0.93
C ARG A 58 -11.41 -22.55 -1.42
N GLY A 59 -12.16 -21.96 -2.35
CA GLY A 59 -12.00 -20.54 -2.59
C GLY A 59 -10.86 -20.16 -3.51
N VAL A 60 -10.50 -21.05 -4.43
CA VAL A 60 -9.42 -20.83 -5.39
C VAL A 60 -10.04 -20.21 -6.64
N PRO A 61 -9.34 -19.31 -7.33
CA PRO A 61 -9.90 -18.77 -8.60
C PRO A 61 -9.98 -19.86 -9.65
N LEU A 62 -11.16 -20.04 -10.23
CA LEU A 62 -11.31 -21.01 -11.30
C LEU A 62 -10.46 -20.66 -12.51
N SER A 63 -10.12 -19.37 -12.68
CA SER A 63 -9.27 -18.95 -13.79
C SER A 63 -7.86 -19.53 -13.71
N MET A 64 -7.46 -20.07 -12.56
CA MET A 64 -6.18 -20.77 -12.47
C MET A 64 -6.26 -22.21 -12.96
N GLY A 65 -7.43 -22.64 -13.44
CA GLY A 65 -7.64 -24.01 -13.89
C GLY A 65 -7.40 -24.20 -15.38
N GLU A 66 -8.15 -25.13 -15.97
N GLU A 66 -8.14 -25.13 -15.96
CA GLU A 66 -7.97 -25.45 -17.37
CA GLU A 66 -7.96 -25.50 -17.36
C GLU A 66 -9.31 -25.86 -17.94
C GLU A 66 -9.31 -25.88 -17.94
N VAL A 67 -9.48 -25.63 -19.23
CA VAL A 67 -10.67 -26.07 -19.95
C VAL A 67 -10.41 -27.49 -20.43
N ALA A 68 -11.31 -28.41 -20.09
CA ALA A 68 -11.24 -29.80 -20.53
C ALA A 68 -12.56 -30.16 -21.17
N ASN A 69 -12.54 -30.45 -22.48
CA ASN A 69 -13.76 -30.68 -23.23
C ASN A 69 -14.69 -29.49 -23.06
N ASN A 70 -15.87 -29.74 -22.49
CA ASN A 70 -16.87 -28.71 -22.26
C ASN A 70 -16.98 -28.34 -20.80
N THR A 71 -15.88 -28.42 -20.05
CA THR A 71 -15.90 -28.15 -18.62
C THR A 71 -14.71 -27.29 -18.25
N LEU A 72 -14.85 -26.56 -17.15
CA LEU A 72 -13.76 -25.83 -16.53
C LEU A 72 -13.38 -26.58 -15.26
N VAL A 73 -12.08 -26.84 -15.07
CA VAL A 73 -11.58 -27.72 -14.00
C VAL A 73 -10.75 -26.88 -13.04
N CYS A 74 -11.13 -26.91 -11.75
CA CYS A 74 -10.41 -26.16 -10.75
C CYS A 74 -9.04 -26.81 -10.49
N PRO A 75 -7.97 -26.02 -10.37
CA PRO A 75 -6.63 -26.61 -10.23
C PRO A 75 -6.37 -27.29 -8.90
N TYR A 76 -7.14 -26.99 -7.85
CA TYR A 76 -6.75 -27.40 -6.50
C TYR A 76 -7.13 -28.84 -6.21
N HIS A 77 -8.42 -29.19 -6.32
CA HIS A 77 -8.84 -30.58 -6.17
C HIS A 77 -9.56 -31.09 -7.43
N GLY A 78 -9.47 -30.38 -8.54
CA GLY A 78 -9.93 -30.95 -9.80
C GLY A 78 -11.42 -31.01 -9.99
N TRP A 79 -12.22 -30.33 -9.18
CA TRP A 79 -13.66 -30.37 -9.45
C TRP A 79 -13.93 -29.78 -10.82
N ARG A 80 -14.85 -30.41 -11.55
CA ARG A 80 -15.15 -30.02 -12.92
C ARG A 80 -16.53 -29.40 -13.01
N TYR A 81 -16.63 -28.29 -13.74
CA TYR A 81 -17.87 -27.53 -13.86
C TYR A 81 -18.31 -27.51 -15.33
N ASN A 82 -19.57 -27.89 -15.58
CA ASN A 82 -20.03 -27.91 -16.97
C ASN A 82 -20.35 -26.49 -17.43
N GLN A 83 -20.83 -26.34 -18.67
CA GLN A 83 -21.04 -25.00 -19.21
C GLN A 83 -22.06 -24.19 -18.43
N ALA A 84 -23.02 -24.86 -17.78
CA ALA A 84 -23.99 -24.20 -16.92
C ALA A 84 -23.46 -23.91 -15.53
N GLY A 85 -22.22 -24.29 -15.23
CA GLY A 85 -21.64 -23.97 -13.94
C GLY A 85 -21.88 -25.01 -12.88
N LYS A 86 -22.54 -26.11 -13.20
CA LYS A 86 -22.78 -27.17 -12.22
C LYS A 86 -21.54 -28.05 -12.09
N CYS A 87 -21.19 -28.43 -10.87
CA CYS A 87 -20.11 -29.39 -10.70
C CYS A 87 -20.59 -30.78 -11.12
N VAL A 88 -19.88 -31.41 -12.05
CA VAL A 88 -20.27 -32.71 -12.55
C VAL A 88 -19.35 -33.81 -12.07
N GLN A 89 -18.22 -33.48 -11.46
CA GLN A 89 -17.38 -34.55 -10.97
C GLN A 89 -16.49 -34.03 -9.86
N ILE A 90 -16.42 -34.82 -8.80
CA ILE A 90 -15.49 -34.60 -7.70
C ILE A 90 -14.51 -35.76 -7.68
N PRO A 91 -13.28 -35.55 -8.15
CA PRO A 91 -12.37 -36.68 -8.42
C PRO A 91 -12.01 -37.47 -7.19
N ALA A 92 -12.05 -36.87 -5.99
CA ALA A 92 -11.73 -37.64 -4.79
C ALA A 92 -12.77 -38.71 -4.52
N HIS A 93 -13.97 -38.55 -5.07
CA HIS A 93 -15.08 -39.45 -4.81
C HIS A 93 -15.76 -39.66 -6.16
N PRO A 94 -15.16 -40.49 -7.03
CA PRO A 94 -15.60 -40.54 -8.43
C PRO A 94 -17.03 -41.01 -8.64
N ASP A 95 -17.60 -41.75 -7.69
CA ASP A 95 -18.96 -42.26 -7.82
C ASP A 95 -19.96 -41.50 -6.98
N MET A 96 -19.51 -40.44 -6.30
CA MET A 96 -20.41 -39.60 -5.53
C MET A 96 -21.09 -38.58 -6.44
N VAL A 97 -22.38 -38.39 -6.20
CA VAL A 97 -23.12 -37.29 -6.85
C VAL A 97 -22.66 -36.00 -6.19
N PRO A 98 -22.18 -35.02 -6.95
CA PRO A 98 -21.75 -33.78 -6.29
C PRO A 98 -22.91 -33.14 -5.57
N PRO A 99 -22.66 -32.45 -4.46
CA PRO A 99 -23.74 -31.72 -3.80
C PRO A 99 -24.31 -30.67 -4.73
N ALA A 100 -25.61 -30.39 -4.55
CA ALA A 100 -26.26 -29.36 -5.35
C ALA A 100 -25.61 -27.99 -5.17
N SER A 101 -25.07 -27.73 -3.98
CA SER A 101 -24.37 -26.47 -3.74
C SER A 101 -23.08 -26.33 -4.55
N ALA A 102 -22.58 -27.41 -5.16
CA ALA A 102 -21.32 -27.38 -5.89
C ALA A 102 -21.61 -26.82 -7.28
N GLN A 103 -21.51 -25.50 -7.37
CA GLN A 103 -21.88 -24.81 -8.59
C GLN A 103 -21.26 -23.43 -8.61
N ALA A 104 -20.76 -23.02 -9.77
CA ALA A 104 -20.18 -21.71 -9.89
C ALA A 104 -21.31 -20.68 -10.03
N LYS A 105 -21.03 -19.46 -9.60
CA LYS A 105 -22.00 -18.38 -9.82
C LYS A 105 -21.83 -17.86 -11.24
N THR A 106 -22.89 -17.97 -12.04
CA THR A 106 -22.81 -17.65 -13.45
C THR A 106 -23.54 -16.34 -13.73
N TYR A 107 -23.11 -15.64 -14.78
CA TYR A 107 -23.65 -14.34 -15.12
C TYR A 107 -24.15 -14.38 -16.56
N HIS A 108 -25.02 -13.42 -16.90
CA HIS A 108 -25.47 -13.31 -18.28
C HIS A 108 -24.37 -12.75 -19.15
N CYS A 109 -24.23 -13.33 -20.35
CA CYS A 109 -23.21 -12.90 -21.30
C CYS A 109 -23.82 -12.85 -22.69
N GLN A 110 -23.60 -11.76 -23.39
CA GLN A 110 -23.99 -11.68 -24.79
C GLN A 110 -22.87 -11.06 -25.60
N GLU A 111 -22.60 -11.63 -26.76
CA GLU A 111 -21.68 -11.03 -27.73
C GLU A 111 -22.48 -10.10 -28.63
N ARG A 112 -22.01 -8.86 -28.78
CA ARG A 112 -22.71 -7.89 -29.61
C ARG A 112 -21.71 -6.83 -30.04
N TYR A 113 -21.71 -6.49 -31.34
CA TYR A 113 -20.74 -5.55 -31.93
C TYR A 113 -19.30 -6.03 -31.75
N GLY A 114 -19.09 -7.34 -31.61
CA GLY A 114 -17.76 -7.85 -31.40
C GLY A 114 -17.23 -7.66 -30.00
N LEU A 115 -18.09 -7.29 -29.06
CA LEU A 115 -17.73 -7.06 -27.67
C LEU A 115 -18.45 -8.06 -26.79
N VAL A 116 -17.84 -8.40 -25.65
CA VAL A 116 -18.45 -9.29 -24.67
C VAL A 116 -19.18 -8.46 -23.62
N TRP A 117 -20.51 -8.51 -23.63
CA TRP A 117 -21.34 -7.79 -22.67
C TRP A 117 -21.77 -8.73 -21.54
N VAL A 118 -21.72 -8.23 -20.30
CA VAL A 118 -22.01 -9.00 -19.10
C VAL A 118 -23.05 -8.27 -18.28
N CYS A 119 -24.01 -9.00 -17.74
CA CYS A 119 -24.93 -8.48 -16.74
C CYS A 119 -24.82 -9.33 -15.49
N LEU A 120 -24.41 -8.71 -14.39
CA LEU A 120 -24.27 -9.40 -13.11
C LEU A 120 -25.60 -9.60 -12.39
N GLY A 121 -26.68 -8.98 -12.87
CA GLY A 121 -27.94 -9.13 -12.19
C GLY A 121 -29.03 -9.70 -13.07
N ASN A 122 -30.16 -9.02 -13.11
CA ASN A 122 -31.25 -9.41 -14.00
C ASN A 122 -31.34 -8.39 -15.12
N PRO A 123 -31.16 -8.80 -16.38
CA PRO A 123 -31.07 -7.87 -17.51
C PRO A 123 -32.42 -7.31 -17.95
N VAL A 124 -32.88 -6.31 -17.21
CA VAL A 124 -34.10 -5.61 -17.60
C VAL A 124 -33.87 -4.73 -18.82
N ASN A 125 -32.68 -4.15 -18.96
CA ASN A 125 -32.44 -3.22 -20.05
C ASN A 125 -31.79 -3.92 -21.24
N ASP A 126 -31.93 -3.32 -22.41
CA ASP A 126 -31.30 -3.86 -23.60
C ASP A 126 -29.86 -3.37 -23.72
N ILE A 127 -29.05 -4.11 -24.45
CA ILE A 127 -27.72 -3.60 -24.82
C ILE A 127 -27.92 -2.34 -25.65
N PRO A 128 -27.13 -1.29 -25.43
CA PRO A 128 -27.31 -0.05 -26.22
C PRO A 128 -27.28 -0.30 -27.71
N SER A 129 -28.05 0.53 -28.44
CA SER A 129 -28.14 0.43 -29.88
C SER A 129 -26.90 1.03 -30.53
N PHE A 130 -26.54 0.48 -31.70
CA PHE A 130 -25.39 0.95 -32.48
C PHE A 130 -25.75 0.75 -33.95
N PRO A 131 -26.51 1.69 -34.52
CA PRO A 131 -27.16 1.39 -35.81
C PRO A 131 -26.22 1.16 -36.98
N GLU A 132 -25.01 1.74 -36.96
CA GLU A 132 -24.10 1.60 -38.08
C GLU A 132 -23.46 0.22 -38.16
N TRP A 133 -23.63 -0.63 -37.14
CA TRP A 133 -22.92 -1.91 -37.08
C TRP A 133 -23.07 -2.72 -38.36
N ASP A 134 -24.30 -2.90 -38.84
CA ASP A 134 -24.55 -3.69 -40.04
C ASP A 134 -24.65 -2.85 -41.31
N ASP A 135 -24.33 -1.58 -41.25
CA ASP A 135 -24.40 -0.74 -42.45
C ASP A 135 -23.21 -1.02 -43.35
N PRO A 136 -23.40 -1.58 -44.54
CA PRO A 136 -22.26 -1.90 -45.40
C PRO A 136 -21.45 -0.70 -45.83
N ASN A 137 -21.97 0.52 -45.67
CA ASN A 137 -21.20 1.71 -46.00
C ASN A 137 -20.11 2.03 -44.97
N TYR A 138 -20.12 1.38 -43.82
CA TYR A 138 -19.25 1.77 -42.72
C TYR A 138 -18.21 0.70 -42.46
N HIS A 139 -16.98 1.14 -42.22
CA HIS A 139 -15.89 0.28 -41.76
C HIS A 139 -15.77 0.43 -40.25
N LYS A 140 -15.11 -0.54 -39.62
CA LYS A 140 -15.01 -0.53 -38.18
C LYS A 140 -13.57 -0.73 -37.73
N THR A 141 -13.27 -0.21 -36.55
CA THR A 141 -12.01 -0.52 -35.86
C THR A 141 -12.25 -0.41 -34.35
N TYR A 142 -11.38 -1.06 -33.58
CA TYR A 142 -11.48 -1.05 -32.13
C TYR A 142 -10.22 -0.41 -31.55
N THR A 143 -10.38 0.47 -30.58
CA THR A 143 -9.16 0.93 -29.92
C THR A 143 -8.65 -0.16 -28.97
N LYS A 144 -7.40 -0.04 -28.57
CA LYS A 144 -6.99 -0.84 -27.44
C LYS A 144 -7.82 -0.42 -26.23
N SER A 145 -7.78 -1.24 -25.19
CA SER A 145 -8.42 -0.87 -23.94
C SER A 145 -7.49 0.04 -23.13
N TYR A 146 -8.07 1.00 -22.42
CA TYR A 146 -7.30 1.95 -21.62
C TYR A 146 -7.69 1.80 -20.16
N LEU A 147 -6.73 1.39 -19.33
CA LEU A 147 -6.98 1.32 -17.90
C LEU A 147 -6.78 2.70 -17.30
N ILE A 148 -7.80 3.20 -16.61
CA ILE A 148 -7.80 4.58 -16.15
C ILE A 148 -8.03 4.59 -14.66
N GLN A 149 -7.11 5.22 -13.91
CA GLN A 149 -7.24 5.30 -12.46
C GLN A 149 -8.13 6.49 -12.10
N ALA A 150 -9.40 6.36 -12.47
CA ALA A 150 -10.40 7.35 -12.12
C ALA A 150 -11.74 6.65 -12.05
N SER A 151 -12.64 7.20 -11.25
CA SER A 151 -14.00 6.69 -11.17
C SER A 151 -14.61 6.61 -12.56
N PRO A 152 -15.36 5.55 -12.87
CA PRO A 152 -16.00 5.46 -14.20
C PRO A 152 -16.91 6.62 -14.50
N PHE A 153 -17.53 7.21 -13.48
CA PHE A 153 -18.43 8.34 -13.71
C PHE A 153 -17.65 9.63 -13.93
N ARG A 154 -16.44 9.73 -13.41
CA ARG A 154 -15.57 10.82 -13.80
C ARG A 154 -15.13 10.66 -15.25
N VAL A 155 -14.85 9.42 -15.67
CA VAL A 155 -14.47 9.19 -17.05
C VAL A 155 -15.60 9.62 -17.99
N MET A 156 -16.83 9.23 -17.67
CA MET A 156 -17.94 9.59 -18.56
C MET A 156 -18.20 11.10 -18.52
N ASP A 157 -18.14 11.70 -17.33
CA ASP A 157 -18.22 13.16 -17.21
C ASP A 157 -17.28 13.88 -18.18
N ASN A 158 -16.02 13.44 -18.22
CA ASN A 158 -15.04 14.01 -19.15
C ASN A 158 -15.43 13.79 -20.61
N SER A 159 -16.12 12.68 -20.90
N SER A 159 -16.12 12.68 -20.92
CA SER A 159 -16.53 12.41 -22.28
CA SER A 159 -16.52 12.44 -22.30
C SER A 159 -17.77 13.20 -22.69
C SER A 159 -17.77 13.21 -22.69
N ILE A 160 -18.53 13.70 -21.71
CA ILE A 160 -19.70 14.52 -22.01
C ILE A 160 -19.31 15.99 -22.12
N ASP A 161 -18.25 16.38 -21.43
CA ASP A 161 -17.68 17.71 -21.51
C ASP A 161 -17.26 18.07 -22.92
N VAL A 162 -17.67 19.24 -23.41
CA VAL A 162 -17.22 19.69 -24.72
C VAL A 162 -16.32 20.93 -24.66
N SER A 163 -16.41 21.73 -23.60
CA SER A 163 -15.68 23.00 -23.55
C SER A 163 -14.18 22.83 -23.39
N HIS A 164 -13.67 21.63 -23.10
CA HIS A 164 -12.23 21.47 -22.91
C HIS A 164 -11.48 21.27 -24.23
N PHE A 165 -12.18 21.12 -25.35
CA PHE A 165 -11.52 20.81 -26.61
C PHE A 165 -10.41 21.79 -26.99
N PRO A 166 -10.57 23.11 -26.85
CA PRO A 166 -9.51 24.01 -27.31
C PRO A 166 -8.29 24.02 -26.43
N PHE A 167 -8.32 23.31 -25.31
CA PHE A 167 -7.24 23.37 -24.34
C PHE A 167 -6.47 22.06 -24.34
N ILE A 168 -7.02 20.98 -23.77
CA ILE A 168 -6.24 19.75 -23.75
C ILE A 168 -6.27 19.00 -25.08
N HIS A 169 -7.18 19.36 -26.00
CA HIS A 169 -7.18 18.78 -27.35
C HIS A 169 -6.82 19.81 -28.42
N ASP A 170 -6.07 20.85 -28.05
CA ASP A 170 -5.67 21.87 -29.00
C ASP A 170 -4.93 21.24 -30.17
N GLY A 171 -5.38 21.53 -31.39
CA GLY A 171 -4.77 20.99 -32.58
C GLY A 171 -5.34 19.66 -33.04
N TRP A 172 -6.28 19.09 -32.28
CA TRP A 172 -6.90 17.81 -32.63
C TRP A 172 -8.41 17.92 -32.71
N LEU A 173 -9.08 18.32 -31.63
CA LEU A 173 -10.53 18.51 -31.61
C LEU A 173 -10.92 19.95 -31.40
N GLY A 174 -9.96 20.84 -31.20
CA GLY A 174 -10.28 22.22 -30.87
C GLY A 174 -9.14 23.13 -31.28
N ASP A 175 -9.42 24.43 -31.16
CA ASP A 175 -8.53 25.48 -31.63
C ASP A 175 -8.45 26.52 -30.52
N ARG A 176 -7.24 26.72 -29.98
CA ARG A 176 -7.02 27.67 -28.90
C ARG A 176 -7.47 29.10 -29.26
N ASN A 177 -7.70 29.39 -30.53
CA ASN A 177 -8.19 30.72 -30.92
C ASN A 177 -9.70 30.80 -30.95
N TYR A 178 -10.39 29.66 -30.95
CA TYR A 178 -11.85 29.59 -30.97
C TYR A 178 -12.30 28.87 -29.70
N THR A 179 -12.31 29.61 -28.58
CA THR A 179 -12.61 29.01 -27.29
C THR A 179 -14.07 29.14 -26.89
N LYS A 180 -14.82 30.06 -27.49
CA LYS A 180 -16.21 30.23 -27.11
C LYS A 180 -17.01 28.99 -27.47
N VAL A 181 -17.90 28.61 -26.57
CA VAL A 181 -18.74 27.43 -26.75
C VAL A 181 -20.14 27.93 -27.07
N GLU A 182 -20.53 27.82 -28.33
CA GLU A 182 -21.87 28.22 -28.72
C GLU A 182 -22.91 27.40 -27.99
N ASP A 183 -24.11 27.98 -27.88
CA ASP A 183 -25.18 27.35 -27.13
C ASP A 183 -25.53 25.98 -27.71
N PHE A 184 -26.05 25.10 -26.86
CA PHE A 184 -26.52 23.81 -27.28
C PHE A 184 -27.61 23.34 -26.33
N GLU A 185 -28.33 22.32 -26.77
CA GLU A 185 -29.44 21.75 -26.01
C GLU A 185 -29.04 20.40 -25.46
N VAL A 186 -29.47 20.11 -24.23
CA VAL A 186 -29.34 18.79 -23.64
C VAL A 186 -30.69 18.37 -23.09
N LYS A 187 -31.00 17.09 -23.22
CA LYS A 187 -32.29 16.54 -22.81
C LYS A 187 -32.07 15.24 -22.09
N VAL A 188 -32.69 15.09 -20.92
CA VAL A 188 -32.66 13.80 -20.18
C VAL A 188 -34.11 13.30 -20.16
N ASP A 189 -34.35 12.15 -20.74
CA ASP A 189 -35.72 11.55 -20.76
C ASP A 189 -35.55 10.05 -20.55
N LYS A 190 -36.54 9.28 -20.98
CA LYS A 190 -36.48 7.80 -20.84
C LYS A 190 -35.52 7.16 -21.85
N ASP A 191 -35.13 7.88 -22.89
CA ASP A 191 -34.09 7.38 -23.82
C ASP A 191 -32.70 7.71 -23.26
N GLY A 192 -32.61 8.16 -22.00
CA GLY A 192 -31.36 8.56 -21.41
C GLY A 192 -31.00 10.02 -21.65
N LEU A 193 -29.72 10.32 -21.73
CA LEU A 193 -29.24 11.67 -21.91
C LEU A 193 -28.81 11.86 -23.36
N THR A 194 -29.34 12.88 -24.00
CA THR A 194 -28.98 13.25 -25.36
C THR A 194 -28.44 14.67 -25.36
N MET A 195 -27.33 14.85 -26.05
CA MET A 195 -26.77 16.20 -26.25
C MET A 195 -27.05 16.56 -27.69
N GLY A 196 -27.71 17.70 -27.91
CA GLY A 196 -28.07 18.13 -29.25
C GLY A 196 -26.85 18.48 -30.07
N LYS A 197 -27.11 18.84 -31.32
CA LYS A 197 -26.02 19.14 -32.24
C LYS A 197 -25.19 20.30 -31.72
N TYR A 198 -23.88 20.21 -31.91
CA TYR A 198 -23.01 21.32 -31.58
C TYR A 198 -21.84 21.33 -32.56
N GLN A 199 -21.46 22.53 -32.97
CA GLN A 199 -20.42 22.74 -33.96
C GLN A 199 -19.14 23.18 -33.28
N PHE A 200 -18.01 22.71 -33.79
CA PHE A 200 -16.72 23.15 -33.28
C PHE A 200 -15.74 23.21 -34.44
N GLN A 201 -15.06 24.35 -34.56
CA GLN A 201 -14.24 24.67 -35.73
C GLN A 201 -12.84 24.09 -35.55
N THR A 202 -12.58 22.97 -36.22
CA THR A 202 -11.26 22.36 -36.23
C THR A 202 -11.18 21.35 -37.36
N SER A 203 -10.02 21.24 -37.98
CA SER A 203 -9.78 20.20 -38.97
C SER A 203 -9.22 18.96 -38.28
N ARG A 204 -9.55 17.80 -38.84
CA ARG A 204 -9.11 16.51 -38.26
C ARG A 204 -8.17 15.78 -39.22
N ILE A 205 -7.32 14.90 -38.71
CA ILE A 205 -6.33 14.15 -39.55
C ILE A 205 -7.02 13.04 -40.34
N VAL A 206 -8.32 12.83 -40.13
CA VAL A 206 -9.06 11.73 -40.80
C VAL A 206 -9.74 12.26 -42.07
N ILE A 209 -9.30 18.36 -45.47
CA ILE A 209 -8.44 19.04 -44.49
C ILE A 209 -8.85 20.51 -44.38
N GLU A 210 -9.37 21.07 -45.47
CA GLU A 210 -10.21 22.26 -45.31
C GLU A 210 -11.54 21.93 -44.67
N ASP A 211 -11.75 20.65 -44.35
CA ASP A 211 -12.93 20.14 -43.64
C ASP A 211 -12.75 20.44 -42.16
N ASP A 212 -12.96 21.71 -41.81
CA ASP A 212 -12.73 22.18 -40.44
C ASP A 212 -14.02 22.54 -39.71
N SER A 213 -15.16 22.02 -40.15
CA SER A 213 -16.44 22.21 -39.46
C SER A 213 -17.07 20.84 -39.24
N TRP A 214 -17.17 20.44 -37.98
CA TRP A 214 -17.75 19.14 -37.62
C TRP A 214 -18.94 19.38 -36.71
N VAL A 215 -20.04 18.71 -37.01
CA VAL A 215 -21.27 18.79 -36.23
C VAL A 215 -21.41 17.48 -35.47
N ASN A 216 -21.46 17.57 -34.14
CA ASN A 216 -21.50 16.40 -33.28
C ASN A 216 -22.79 16.36 -32.48
N TRP A 217 -23.18 15.14 -32.08
CA TRP A 217 -24.19 14.93 -31.08
C TRP A 217 -23.93 13.56 -30.47
N PHE A 218 -24.53 13.31 -29.31
CA PHE A 218 -24.32 12.00 -28.71
C PHE A 218 -25.49 11.66 -27.80
N ARG A 219 -25.63 10.38 -27.50
CA ARG A 219 -26.67 9.89 -26.62
C ARG A 219 -26.12 8.82 -25.69
N LEU A 220 -26.57 8.86 -24.44
CA LEU A 220 -26.31 7.82 -23.45
C LEU A 220 -27.64 7.24 -23.02
N SER A 221 -27.94 6.00 -23.42
CA SER A 221 -29.11 5.36 -22.85
C SER A 221 -28.79 4.67 -21.52
N HIS A 222 -27.51 4.65 -21.14
CA HIS A 222 -26.88 3.83 -20.15
C HIS A 222 -25.80 4.76 -19.63
N PRO A 223 -25.69 4.97 -18.31
CA PRO A 223 -24.78 6.00 -17.79
C PRO A 223 -23.30 5.77 -18.10
N LEU A 224 -22.91 4.58 -18.54
CA LEU A 224 -21.50 4.28 -18.80
C LEU A 224 -21.24 3.89 -20.24
N CYS A 225 -22.20 4.13 -21.14
N CYS A 225 -22.16 4.22 -21.15
CA CYS A 225 -22.00 3.93 -22.55
CA CYS A 225 -22.00 3.89 -22.55
C CYS A 225 -22.44 5.17 -23.30
C CYS A 225 -22.51 5.06 -23.39
N GLN A 226 -21.67 5.56 -24.30
CA GLN A 226 -21.97 6.75 -25.08
C GLN A 226 -21.89 6.45 -26.55
N TYR A 227 -22.94 6.83 -27.30
CA TYR A 227 -22.97 6.73 -28.74
C TYR A 227 -22.74 8.13 -29.27
N CYS A 228 -21.67 8.33 -30.03
N CYS A 228 -21.67 8.33 -30.03
N CYS A 228 -21.67 8.30 -30.04
CA CYS A 228 -21.25 9.65 -30.47
CA CYS A 228 -21.25 9.65 -30.47
CA CYS A 228 -21.21 9.60 -30.51
C CYS A 228 -21.19 9.71 -31.98
C CYS A 228 -21.19 9.71 -31.98
C CYS A 228 -21.26 9.65 -32.03
N VAL A 229 -21.81 10.74 -32.56
CA VAL A 229 -21.84 10.94 -34.01
C VAL A 229 -21.13 12.26 -34.32
N SER A 230 -20.21 12.23 -35.26
CA SER A 230 -19.50 13.41 -35.74
C SER A 230 -19.58 13.40 -37.25
N GLU A 231 -20.17 14.45 -37.83
CA GLU A 231 -20.32 14.48 -39.27
C GLU A 231 -19.79 15.80 -39.83
N SER A 232 -19.03 15.69 -40.89
CA SER A 232 -18.61 16.78 -41.74
C SER A 232 -19.28 16.60 -43.10
N PRO A 233 -19.18 17.60 -43.98
CA PRO A 233 -19.65 17.38 -45.36
C PRO A 233 -18.97 16.20 -46.06
N GLU A 234 -17.75 15.84 -45.65
CA GLU A 234 -17.01 14.79 -46.35
C GLU A 234 -17.18 13.40 -45.74
N MET A 235 -17.56 13.29 -44.47
CA MET A 235 -17.53 11.96 -43.86
C MET A 235 -18.32 11.98 -42.57
N ARG A 236 -18.82 10.79 -42.20
CA ARG A 236 -19.52 10.58 -40.94
C ARG A 236 -18.78 9.53 -40.13
N ILE A 237 -18.51 9.84 -38.87
CA ILE A 237 -17.82 8.94 -37.95
C ILE A 237 -18.70 8.74 -36.74
N VAL A 238 -18.90 7.49 -36.33
CA VAL A 238 -19.67 7.22 -35.13
C VAL A 238 -18.81 6.34 -34.24
N ASP A 239 -19.08 6.41 -32.95
CA ASP A 239 -18.37 5.48 -32.09
C ASP A 239 -19.25 5.11 -30.93
N LEU A 240 -18.97 3.95 -30.37
CA LEU A 240 -19.61 3.47 -29.16
C LEU A 240 -18.50 3.40 -28.13
N MET A 241 -18.54 4.30 -27.15
CA MET A 241 -17.57 4.28 -26.07
CA MET A 241 -17.58 4.32 -26.05
C MET A 241 -18.18 3.59 -24.86
N THR A 242 -17.48 2.59 -24.35
CA THR A 242 -17.96 1.83 -23.22
C THR A 242 -16.95 1.97 -22.09
N ILE A 243 -17.45 2.20 -20.89
CA ILE A 243 -16.60 2.33 -19.69
C ILE A 243 -16.93 1.19 -18.76
N ALA A 244 -15.98 0.27 -18.57
CA ALA A 244 -16.17 -0.82 -17.64
C ALA A 244 -15.86 -0.37 -16.23
N PRO A 245 -16.80 -0.39 -15.33
CA PRO A 245 -16.53 0.07 -13.98
C PRO A 245 -15.87 -1.03 -13.16
N ILE A 246 -14.54 -1.04 -13.16
CA ILE A 246 -13.77 -2.05 -12.43
C ILE A 246 -14.15 -2.02 -10.96
N ASP A 247 -14.06 -0.85 -10.35
CA ASP A 247 -14.53 -0.60 -8.99
C ASP A 247 -14.86 0.89 -8.91
N GLU A 248 -14.94 1.43 -7.70
CA GLU A 248 -15.36 2.82 -7.57
C GLU A 248 -14.33 3.80 -8.10
N ASP A 249 -13.07 3.39 -8.24
CA ASP A 249 -11.97 4.31 -8.49
C ASP A 249 -11.16 3.93 -9.72
N ASN A 250 -11.59 2.93 -10.49
CA ASN A 250 -10.83 2.44 -11.63
C ASN A 250 -11.77 2.07 -12.78
N SER A 251 -11.34 2.32 -14.01
CA SER A 251 -12.18 2.11 -15.17
C SER A 251 -11.38 1.50 -16.31
N VAL A 252 -12.08 0.81 -17.21
CA VAL A 252 -11.50 0.43 -18.49
C VAL A 252 -12.34 1.06 -19.59
N LEU A 253 -11.68 1.87 -20.41
CA LEU A 253 -12.31 2.55 -21.54
C LEU A 253 -12.01 1.78 -22.82
N ARG A 254 -13.06 1.56 -23.63
CA ARG A 254 -12.91 1.00 -24.96
C ARG A 254 -13.75 1.83 -25.92
N MET A 255 -13.30 1.96 -27.17
CA MET A 255 -14.12 2.56 -28.22
C MET A 255 -14.18 1.66 -29.44
N LEU A 256 -15.38 1.57 -30.00
CA LEU A 256 -15.62 0.97 -31.29
C LEU A 256 -15.97 2.11 -32.23
N ILE A 257 -15.19 2.26 -33.29
CA ILE A 257 -15.28 3.40 -34.19
C ILE A 257 -15.70 2.90 -35.56
N MET A 258 -16.71 3.54 -36.16
CA MET A 258 -17.10 3.24 -37.52
C MET A 258 -17.17 4.52 -38.34
N TRP A 259 -16.83 4.41 -39.63
CA TRP A 259 -16.76 5.57 -40.48
C TRP A 259 -17.10 5.15 -41.91
N ASN A 260 -17.64 6.08 -42.68
CA ASN A 260 -18.08 5.76 -44.02
C ASN A 260 -17.13 6.24 -45.11
N GLY A 261 -15.93 6.66 -44.75
CA GLY A 261 -14.89 7.00 -45.71
C GLY A 261 -14.09 5.78 -46.09
N SER A 262 -12.92 6.02 -46.65
CA SER A 262 -12.05 4.93 -47.04
C SER A 262 -11.61 4.13 -45.83
N GLU A 263 -11.50 2.81 -46.00
CA GLU A 263 -11.00 1.99 -44.91
C GLU A 263 -9.51 2.22 -44.66
N MET A 264 -8.81 2.83 -45.62
CA MET A 264 -7.39 3.12 -45.44
C MET A 264 -7.14 4.17 -44.37
N LEU A 265 -8.19 4.88 -43.91
CA LEU A 265 -8.08 5.86 -42.84
C LEU A 265 -7.94 5.24 -41.46
N GLU A 266 -8.00 3.92 -41.34
CA GLU A 266 -8.07 3.28 -40.04
C GLU A 266 -6.88 3.65 -39.15
N SER A 267 -5.66 3.58 -39.71
CA SER A 267 -4.47 3.82 -38.91
C SER A 267 -4.46 5.26 -38.38
N LYS A 268 -4.83 6.23 -39.22
CA LYS A 268 -4.92 7.61 -38.76
C LYS A 268 -6.03 7.77 -37.72
N MET A 269 -7.16 7.09 -37.93
CA MET A 269 -8.24 7.13 -36.96
C MET A 269 -7.75 6.67 -35.58
N LEU A 270 -7.07 5.53 -35.53
CA LEU A 270 -6.61 5.01 -34.26
C LEU A 270 -5.62 5.96 -33.61
N THR A 271 -4.81 6.66 -34.41
CA THR A 271 -3.87 7.62 -33.83
C THR A 271 -4.59 8.83 -33.26
N GLU A 272 -5.60 9.37 -33.96
CA GLU A 272 -6.33 10.50 -33.42
C GLU A 272 -6.96 10.15 -32.09
N TYR A 273 -7.63 8.98 -32.03
CA TYR A 273 -8.28 8.61 -30.79
C TYR A 273 -7.26 8.37 -29.70
N ASP A 274 -6.17 7.67 -30.02
CA ASP A 274 -5.13 7.45 -29.02
C ASP A 274 -4.60 8.79 -28.47
N GLU A 275 -4.36 9.76 -29.35
CA GLU A 275 -3.84 11.03 -28.87
C GLU A 275 -4.84 11.73 -27.94
N THR A 276 -6.11 11.80 -28.34
CA THR A 276 -7.07 12.57 -27.55
C THR A 276 -7.45 11.83 -26.27
N ILE A 277 -7.54 10.50 -26.35
CA ILE A 277 -7.82 9.73 -25.14
C ILE A 277 -6.72 9.96 -24.11
N GLU A 278 -5.46 9.87 -24.54
CA GLU A 278 -4.37 10.04 -23.57
C GLU A 278 -4.34 11.48 -23.05
N GLN A 279 -4.75 12.45 -23.87
CA GLN A 279 -4.86 13.82 -23.37
C GLN A 279 -5.89 13.91 -22.26
N ASP A 280 -7.02 13.20 -22.44
CA ASP A 280 -8.05 13.18 -21.40
C ASP A 280 -7.57 12.45 -20.17
N ILE A 281 -6.83 11.36 -20.35
CA ILE A 281 -6.42 10.54 -19.20
C ILE A 281 -5.51 11.34 -18.28
N ARG A 282 -4.63 12.17 -18.86
CA ARG A 282 -3.76 13.01 -18.05
C ARG A 282 -4.58 13.88 -17.08
N ILE A 283 -5.72 14.43 -17.55
CA ILE A 283 -6.57 15.20 -16.66
C ILE A 283 -7.30 14.31 -15.67
N LEU A 284 -7.87 13.19 -16.17
CA LEU A 284 -8.63 12.29 -15.31
C LEU A 284 -7.82 11.81 -14.12
N HIS A 285 -6.56 11.43 -14.35
CA HIS A 285 -5.74 10.92 -13.25
C HIS A 285 -5.47 11.99 -12.20
N SER A 286 -5.65 13.26 -12.54
CA SER A 286 -5.29 14.36 -11.64
C SER A 286 -6.46 14.89 -10.84
N GLN A 287 -7.70 14.58 -11.23
CA GLN A 287 -8.86 15.23 -10.62
C GLN A 287 -9.07 14.76 -9.20
N GLN A 288 -9.41 15.69 -8.32
CA GLN A 288 -9.79 15.36 -6.97
C GLN A 288 -11.11 16.03 -6.62
N PRO A 289 -11.99 15.36 -5.87
CA PRO A 289 -11.76 13.98 -5.41
C PRO A 289 -11.90 12.96 -6.54
N ALA A 290 -11.53 11.70 -6.27
CA ALA A 290 -11.55 10.69 -7.32
C ALA A 290 -12.98 10.39 -7.77
N ARG A 291 -13.92 10.37 -6.85
CA ARG A 291 -15.29 10.04 -7.21
C ARG A 291 -16.01 11.29 -7.72
N LEU A 292 -16.97 11.07 -8.61
CA LEU A 292 -17.67 12.19 -9.24
C LEU A 292 -18.58 12.88 -8.24
N PRO A 293 -18.38 14.17 -7.97
CA PRO A 293 -19.31 14.86 -7.06
C PRO A 293 -20.63 15.09 -7.75
N LEU A 294 -21.71 14.71 -7.07
CA LEU A 294 -23.03 15.07 -7.55
C LEU A 294 -23.34 16.51 -7.10
N LEU A 295 -24.51 17.01 -7.48
CA LEU A 295 -24.85 18.39 -7.13
C LEU A 295 -25.09 18.49 -5.63
N ALA A 296 -24.18 19.18 -4.94
CA ALA A 296 -24.05 19.17 -3.47
C ALA A 296 -23.87 17.75 -2.92
N GLY A 304 -11.85 21.62 3.70
CA GLY A 304 -11.74 20.59 2.68
C GLY A 304 -11.56 21.15 1.28
N LEU A 305 -12.36 20.65 0.33
CA LEU A 305 -12.33 21.12 -1.04
C LEU A 305 -13.61 21.86 -1.39
N PRO A 306 -13.52 22.90 -2.21
CA PRO A 306 -14.72 23.66 -2.58
C PRO A 306 -15.67 22.87 -3.47
N GLN A 307 -16.94 23.27 -3.43
CA GLN A 307 -17.95 22.71 -4.31
C GLN A 307 -17.62 23.01 -5.76
N GLU A 308 -18.10 22.16 -6.67
CA GLU A 308 -17.90 22.41 -8.09
C GLU A 308 -18.65 23.68 -8.50
N ILE A 309 -18.12 24.36 -9.51
CA ILE A 309 -18.76 25.53 -10.12
C ILE A 309 -19.21 25.15 -11.52
N HIS A 310 -20.41 25.62 -11.91
CA HIS A 310 -21.00 25.29 -13.20
C HIS A 310 -21.29 26.57 -13.97
N VAL A 311 -20.86 26.61 -15.23
CA VAL A 311 -21.13 27.72 -16.12
C VAL A 311 -22.07 27.19 -17.21
N PRO A 312 -22.64 28.04 -18.08
CA PRO A 312 -23.66 27.54 -19.03
C PRO A 312 -23.17 26.43 -19.95
N SER A 313 -21.93 26.48 -20.41
CA SER A 313 -21.43 25.40 -21.26
C SER A 313 -21.24 24.08 -20.50
N ASP A 314 -21.44 24.05 -19.19
CA ASP A 314 -21.45 22.81 -18.40
C ASP A 314 -22.85 22.16 -18.33
N ARG A 315 -23.82 22.65 -19.10
CA ARG A 315 -25.18 22.15 -18.91
C ARG A 315 -25.28 20.65 -19.17
N GLY A 316 -24.43 20.11 -20.06
CA GLY A 316 -24.47 18.69 -20.32
C GLY A 316 -23.91 17.88 -19.16
N THR A 317 -22.77 18.31 -18.61
CA THR A 317 -22.23 17.59 -17.47
C THR A 317 -23.05 17.83 -16.21
N VAL A 318 -23.76 18.96 -16.13
CA VAL A 318 -24.70 19.16 -15.02
C VAL A 318 -25.87 18.19 -15.14
N ALA A 319 -26.38 18.02 -16.36
CA ALA A 319 -27.50 17.11 -16.58
C ALA A 319 -27.09 15.67 -16.29
N TYR A 320 -25.84 15.32 -16.60
CA TYR A 320 -25.33 14.00 -16.27
C TYR A 320 -25.38 13.76 -14.77
N ARG A 321 -24.92 14.73 -13.98
CA ARG A 321 -24.92 14.57 -12.53
C ARG A 321 -26.35 14.48 -11.99
N ARG A 322 -27.28 15.22 -12.59
CA ARG A 322 -28.67 15.15 -12.19
C ARG A 322 -29.27 13.79 -12.52
N TRP A 323 -28.96 13.28 -13.71
CA TRP A 323 -29.39 11.97 -14.14
C TRP A 323 -28.88 10.88 -13.20
N LEU A 324 -27.60 10.94 -12.82
CA LEU A 324 -27.07 9.93 -11.91
C LEU A 324 -27.79 9.95 -10.58
N LYS A 325 -28.12 11.14 -10.09
CA LYS A 325 -28.90 11.24 -8.86
C LYS A 325 -30.31 10.66 -9.05
N GLU A 326 -30.95 10.95 -10.19
CA GLU A 326 -32.27 10.40 -10.45
C GLU A 326 -32.23 8.88 -10.49
N LEU A 327 -31.19 8.31 -11.10
CA LEU A 327 -31.04 6.86 -11.21
C LEU A 327 -30.62 6.21 -9.90
N GLY A 328 -30.33 7.00 -8.86
CA GLY A 328 -29.92 6.44 -7.59
C GLY A 328 -28.53 5.84 -7.60
N VAL A 329 -27.57 6.51 -8.22
CA VAL A 329 -26.19 6.04 -8.26
C VAL A 329 -25.48 6.52 -7.01
N THR A 330 -24.85 5.59 -6.29
CA THR A 330 -24.00 5.91 -5.14
C THR A 330 -22.60 5.35 -5.29
N TYR A 331 -22.36 4.51 -6.29
CA TYR A 331 -21.09 3.83 -6.50
C TYR A 331 -20.19 4.69 -7.38
N GLY A 332 -18.99 5.01 -6.89
CA GLY A 332 -18.08 5.84 -7.65
C GLY A 332 -18.46 7.30 -7.74
N VAL A 333 -19.37 7.77 -6.88
CA VAL A 333 -19.76 9.17 -6.84
C VAL A 333 -19.71 9.61 -5.38
N CYS A 334 -19.72 10.92 -5.17
CA CYS A 334 -19.62 11.47 -3.83
C CYS A 334 -20.32 12.82 -3.73
N MET B 1 -1.89 -5.24 15.37
CA MET B 1 -2.01 -6.54 14.72
C MET B 1 -1.68 -7.68 15.69
N THR B 2 -2.05 -7.52 16.96
CA THR B 2 -1.78 -8.53 17.97
C THR B 2 -3.06 -9.32 18.24
N THR B 3 -2.93 -10.34 19.10
CA THR B 3 -4.03 -11.22 19.44
C THR B 3 -4.13 -11.42 20.94
N ALA B 4 -5.36 -11.45 21.44
CA ALA B 4 -5.61 -11.90 22.79
C ALA B 4 -5.67 -13.42 22.89
N ASP B 5 -5.74 -14.13 21.76
CA ASP B 5 -5.90 -15.58 21.77
C ASP B 5 -4.83 -16.24 22.61
N LEU B 6 -5.23 -16.82 23.75
CA LEU B 6 -4.24 -17.39 24.67
C LEU B 6 -3.61 -18.65 24.10
N ILE B 7 -4.32 -19.39 23.25
CA ILE B 7 -3.68 -20.55 22.64
C ILE B 7 -2.53 -20.09 21.74
N LEU B 8 -2.56 -18.85 21.28
CA LEU B 8 -1.47 -18.36 20.45
C LEU B 8 -0.40 -17.65 21.28
N ILE B 9 -0.82 -16.74 22.16
CA ILE B 9 0.14 -15.97 22.96
C ILE B 9 0.89 -16.88 23.93
N ASN B 10 0.18 -17.81 24.56
CA ASN B 10 0.78 -18.69 25.56
C ASN B 10 1.33 -19.98 24.96
N ASN B 11 1.69 -19.98 23.69
CA ASN B 11 2.26 -21.14 23.03
C ASN B 11 3.64 -20.80 22.50
N TRP B 12 4.37 -21.86 22.13
CA TRP B 12 5.71 -21.72 21.57
C TRP B 12 5.68 -21.67 20.04
N HIS B 13 6.45 -20.74 19.46
CA HIS B 13 6.53 -20.60 18.01
C HIS B 13 7.98 -20.49 17.56
N VAL B 14 8.31 -21.14 16.45
CA VAL B 14 9.65 -20.98 15.87
C VAL B 14 9.78 -19.62 15.22
N VAL B 15 10.86 -18.90 15.56
CA VAL B 15 11.15 -17.62 14.92
C VAL B 15 12.45 -17.63 14.13
N ALA B 16 13.27 -18.67 14.25
CA ALA B 16 14.58 -18.66 13.62
C ALA B 16 15.18 -20.06 13.71
N ASN B 17 16.20 -20.29 12.88
CA ASN B 17 17.05 -21.47 12.98
C ASN B 17 18.26 -21.10 13.82
N VAL B 18 18.69 -22.01 14.71
CA VAL B 18 19.81 -21.69 15.60
C VAL B 18 21.05 -21.35 14.79
N GLU B 19 21.22 -21.98 13.63
CA GLU B 19 22.35 -21.71 12.75
C GLU B 19 22.44 -20.24 12.33
N ASP B 20 21.32 -19.52 12.34
CA ASP B 20 21.35 -18.12 11.95
C ASP B 20 21.59 -17.16 13.12
N CYS B 21 21.91 -17.68 14.31
CA CYS B 21 22.18 -16.85 15.48
C CYS B 21 23.59 -17.16 15.98
N LYS B 22 24.58 -16.53 15.37
CA LYS B 22 25.96 -16.73 15.78
C LYS B 22 26.27 -15.92 17.04
N PRO B 23 27.27 -16.34 17.81
CA PRO B 23 27.70 -15.54 18.96
C PRO B 23 28.01 -14.12 18.53
N GLY B 24 27.58 -13.17 19.35
CA GLY B 24 27.77 -11.77 19.05
C GLY B 24 26.84 -11.20 18.00
N SER B 25 25.92 -11.99 17.47
CA SER B 25 25.07 -11.53 16.37
C SER B 25 23.76 -10.94 16.88
N ILE B 26 23.17 -10.10 16.03
CA ILE B 26 21.85 -9.50 16.25
C ILE B 26 21.00 -9.83 15.05
N THR B 27 19.80 -10.37 15.29
CA THR B 27 18.87 -10.62 14.19
C THR B 27 17.47 -10.18 14.61
N THR B 28 16.57 -10.13 13.64
CA THR B 28 15.21 -9.70 13.90
C THR B 28 14.21 -10.77 13.44
N ALA B 29 13.01 -10.68 14.00
CA ALA B 29 11.90 -11.53 13.62
C ALA B 29 10.62 -10.80 13.97
N ARG B 30 9.50 -11.28 13.44
CA ARG B 30 8.18 -10.78 13.78
C ARG B 30 7.31 -11.96 14.16
N LEU B 31 6.53 -11.80 15.23
CA LEU B 31 5.67 -12.87 15.71
C LEU B 31 4.39 -12.26 16.26
N LEU B 32 3.24 -12.64 15.69
CA LEU B 32 1.95 -12.22 16.21
C LEU B 32 1.89 -10.70 16.39
N GLY B 33 2.41 -9.99 15.39
CA GLY B 33 2.39 -8.53 15.39
C GLY B 33 3.48 -7.87 16.21
N VAL B 34 4.35 -8.63 16.85
CA VAL B 34 5.38 -8.08 17.74
C VAL B 34 6.72 -8.17 17.04
N LYS B 35 7.47 -7.06 17.04
CA LYS B 35 8.82 -7.04 16.49
C LYS B 35 9.81 -7.55 17.53
N LEU B 36 10.60 -8.54 17.14
CA LEU B 36 11.55 -9.20 18.03
C LEU B 36 12.98 -8.87 17.64
N VAL B 37 13.85 -8.80 18.65
CA VAL B 37 15.29 -8.78 18.44
C VAL B 37 15.88 -10.01 19.11
N LEU B 38 16.74 -10.72 18.39
CA LEU B 38 17.41 -11.91 18.91
C LEU B 38 18.91 -11.60 18.98
N TRP B 39 19.51 -11.86 20.12
CA TRP B 39 20.94 -11.56 20.18
C TRP B 39 21.63 -12.54 21.10
N ARG B 40 22.96 -12.62 20.92
CA ARG B 40 23.82 -13.49 21.70
C ARG B 40 25.12 -12.76 22.04
N SER B 41 25.64 -12.99 23.24
CA SER B 41 26.98 -12.50 23.55
C SER B 41 28.03 -13.27 22.74
N GLN B 42 29.24 -12.73 22.72
CA GLN B 42 30.35 -13.36 21.99
C GLN B 42 30.79 -14.68 22.59
N GLU B 43 30.54 -14.89 23.88
CA GLU B 43 31.03 -16.07 24.56
C GLU B 43 30.54 -17.35 23.90
N GLN B 44 31.38 -18.37 23.93
CA GLN B 44 31.00 -19.68 23.41
C GLN B 44 29.83 -20.23 24.22
N ASN B 45 28.87 -20.84 23.51
CA ASN B 45 27.67 -21.41 24.13
C ASN B 45 26.79 -20.36 24.80
N SER B 46 26.87 -19.11 24.34
CA SER B 46 26.04 -18.08 24.94
C SER B 46 24.56 -18.37 24.68
N PRO B 47 23.68 -18.08 25.64
CA PRO B 47 22.24 -18.21 25.37
C PRO B 47 21.79 -17.18 24.35
N ILE B 48 20.62 -17.46 23.76
CA ILE B 48 19.94 -16.52 22.85
C ILE B 48 18.91 -15.74 23.66
N GLN B 49 18.97 -14.42 23.59
CA GLN B 49 17.93 -13.55 24.12
C GLN B 49 16.95 -13.20 23.02
N VAL B 50 15.66 -13.19 23.34
CA VAL B 50 14.62 -12.75 22.41
C VAL B 50 13.81 -11.70 23.13
N TRP B 51 13.88 -10.46 22.67
CA TRP B 51 13.23 -9.33 23.33
C TRP B 51 12.32 -8.61 22.34
N GLN B 52 11.40 -7.82 22.89
CA GLN B 52 10.74 -6.85 22.03
C GLN B 52 11.78 -5.88 21.49
N ASP B 53 11.70 -5.56 20.21
CA ASP B 53 12.76 -4.80 19.54
C ASP B 53 12.52 -3.30 19.76
N TYR B 54 12.88 -2.84 20.95
CA TYR B 54 12.39 -1.55 21.42
C TYR B 54 13.16 -1.07 22.63
N CYS B 55 13.76 0.10 22.52
CA CYS B 55 14.41 0.74 23.66
C CYS B 55 13.39 1.62 24.36
N PRO B 56 13.10 1.41 25.65
CA PRO B 56 12.06 2.21 26.32
C PRO B 56 12.46 3.65 26.59
N HIS B 57 13.69 4.08 26.28
CA HIS B 57 14.08 5.47 26.51
C HIS B 57 13.41 6.38 25.48
N ARG B 58 13.77 6.22 24.21
CA ARG B 58 13.15 7.03 23.16
C ARG B 58 12.64 6.16 22.00
N GLY B 59 12.46 4.86 22.22
CA GLY B 59 11.68 4.07 21.27
C GLY B 59 12.40 3.64 20.01
N VAL B 60 13.72 3.52 20.07
CA VAL B 60 14.57 3.11 18.96
C VAL B 60 14.64 1.58 18.97
N PRO B 61 14.71 0.91 17.81
CA PRO B 61 14.87 -0.55 17.81
C PRO B 61 16.23 -0.96 18.36
N LEU B 62 16.23 -1.80 19.40
CA LEU B 62 17.50 -2.29 19.93
C LEU B 62 18.29 -3.07 18.89
N SER B 63 17.62 -3.63 17.88
CA SER B 63 18.33 -4.35 16.82
C SER B 63 19.25 -3.45 16.00
N MET B 64 19.07 -2.13 16.07
CA MET B 64 20.00 -1.22 15.42
C MET B 64 21.27 -0.98 16.23
N GLY B 65 21.42 -1.62 17.39
CA GLY B 65 22.56 -1.40 18.27
C GLY B 65 23.70 -2.38 18.05
N GLU B 66 24.46 -2.65 19.11
N GLU B 66 24.45 -2.62 19.13
CA GLU B 66 25.60 -3.56 19.00
CA GLU B 66 25.66 -3.45 19.16
C GLU B 66 25.78 -4.33 20.31
C GLU B 66 25.58 -4.42 20.33
N VAL B 67 26.22 -5.57 20.18
CA VAL B 67 26.50 -6.43 21.32
C VAL B 67 27.87 -6.05 21.86
N ALA B 68 27.94 -5.75 23.14
CA ALA B 68 29.19 -5.42 23.81
C ALA B 68 29.29 -6.30 25.04
N ASN B 69 30.29 -7.18 25.07
CA ASN B 69 30.43 -8.14 26.14
C ASN B 69 29.14 -8.91 26.32
N ASN B 70 28.56 -8.88 27.52
CA ASN B 70 27.29 -9.57 27.75
C ASN B 70 26.11 -8.62 27.73
N THR B 71 26.18 -7.54 26.95
CA THR B 71 25.11 -6.54 26.90
C THR B 71 24.78 -6.16 25.47
N LEU B 72 23.53 -5.76 25.29
CA LEU B 72 23.06 -5.19 24.04
C LEU B 72 22.95 -3.69 24.23
N VAL B 73 23.53 -2.92 23.31
CA VAL B 73 23.73 -1.47 23.52
C VAL B 73 22.89 -0.71 22.51
N CYS B 74 22.00 0.15 23.00
CA CYS B 74 21.16 0.95 22.11
C CYS B 74 22.01 1.97 21.35
N PRO B 75 21.72 2.19 20.06
CA PRO B 75 22.57 3.11 19.28
C PRO B 75 22.35 4.58 19.59
N TYR B 76 21.21 4.95 20.18
CA TYR B 76 20.86 6.37 20.23
C TYR B 76 21.56 7.07 21.39
N HIS B 77 21.39 6.58 22.62
CA HIS B 77 22.10 7.13 23.77
C HIS B 77 22.96 6.10 24.48
N GLY B 78 23.20 4.94 23.88
CA GLY B 78 24.14 3.98 24.43
C GLY B 78 23.73 3.28 25.71
N TRP B 79 22.44 3.27 26.07
CA TRP B 79 22.06 2.48 27.24
C TRP B 79 22.38 1.00 26.99
N ARG B 80 22.93 0.35 28.01
CA ARG B 80 23.36 -1.05 27.89
C ARG B 80 22.46 -1.96 28.70
N TYR B 81 22.00 -3.03 28.07
CA TYR B 81 21.07 -3.99 28.67
C TYR B 81 21.75 -5.33 28.82
N ASN B 82 21.74 -5.88 30.03
CA ASN B 82 22.38 -7.18 30.25
C ASN B 82 21.51 -8.31 29.71
N GLN B 83 21.96 -9.54 29.93
CA GLN B 83 21.25 -10.67 29.32
C GLN B 83 19.85 -10.85 29.87
N ALA B 84 19.57 -10.38 31.09
CA ALA B 84 18.23 -10.43 31.66
C ALA B 84 17.36 -9.26 31.22
N GLY B 85 17.86 -8.37 30.38
CA GLY B 85 17.07 -7.25 29.92
C GLY B 85 17.14 -5.99 30.78
N LYS B 86 17.88 -6.02 31.89
CA LYS B 86 17.96 -4.86 32.77
C LYS B 86 19.03 -3.90 32.27
N CYS B 87 18.70 -2.60 32.24
CA CYS B 87 19.68 -1.59 31.91
C CYS B 87 20.70 -1.50 33.03
N VAL B 88 21.97 -1.66 32.70
CA VAL B 88 23.05 -1.61 33.69
C VAL B 88 23.92 -0.39 33.55
N GLN B 89 23.79 0.38 32.46
CA GLN B 89 24.62 1.56 32.28
C GLN B 89 23.86 2.60 31.47
N ILE B 90 23.74 3.80 32.01
CA ILE B 90 23.24 4.97 31.30
C ILE B 90 24.43 5.89 31.14
N PRO B 91 25.03 5.96 29.94
CA PRO B 91 26.34 6.63 29.81
C PRO B 91 26.31 8.11 30.18
N ALA B 92 25.19 8.80 29.98
CA ALA B 92 25.13 10.22 30.32
C ALA B 92 25.26 10.44 31.82
N HIS B 93 24.92 9.42 32.62
CA HIS B 93 24.87 9.52 34.08
C HIS B 93 25.52 8.26 34.63
N PRO B 94 26.84 8.16 34.50
CA PRO B 94 27.53 6.89 34.78
C PRO B 94 27.35 6.40 36.21
N ASP B 95 27.08 7.28 37.16
CA ASP B 95 26.95 6.90 38.56
C ASP B 95 25.50 6.73 39.01
N MET B 96 24.53 7.01 38.16
CA MET B 96 23.17 6.93 38.66
C MET B 96 22.74 5.47 38.80
N VAL B 97 21.72 5.26 39.62
CA VAL B 97 21.05 3.97 39.70
C VAL B 97 20.01 3.99 38.59
N PRO B 98 20.09 3.13 37.59
CA PRO B 98 19.11 3.19 36.49
C PRO B 98 17.73 2.90 37.03
N PRO B 99 16.71 3.59 36.51
CA PRO B 99 15.35 3.35 37.01
C PRO B 99 14.91 1.91 36.75
N ALA B 100 13.99 1.45 37.59
CA ALA B 100 13.49 0.08 37.43
C ALA B 100 12.82 -0.11 36.07
N SER B 101 12.23 0.94 35.52
CA SER B 101 11.59 0.88 34.22
C SER B 101 12.58 0.73 33.07
N ALA B 102 13.87 0.94 33.32
CA ALA B 102 14.91 0.82 32.29
C ALA B 102 15.21 -0.67 32.12
N GLN B 103 14.36 -1.32 31.33
CA GLN B 103 14.30 -2.77 31.25
C GLN B 103 13.66 -3.13 29.92
N ALA B 104 14.32 -3.98 29.15
CA ALA B 104 13.72 -4.47 27.92
C ALA B 104 12.58 -5.43 28.23
N LYS B 105 11.63 -5.52 27.30
CA LYS B 105 10.59 -6.54 27.42
C LYS B 105 11.17 -7.85 26.91
N THR B 106 11.30 -8.84 27.79
CA THR B 106 11.93 -10.11 27.43
C THR B 106 10.88 -11.21 27.29
N TYR B 107 11.19 -12.19 26.45
CA TYR B 107 10.28 -13.30 26.16
C TYR B 107 11.00 -14.61 26.41
N HIS B 108 10.22 -15.65 26.68
CA HIS B 108 10.78 -16.99 26.88
C HIS B 108 11.33 -17.50 25.56
N CYS B 109 12.53 -18.07 25.62
N CYS B 109 12.50 -18.13 25.61
CA CYS B 109 13.20 -18.61 24.44
CA CYS B 109 13.03 -18.72 24.39
C CYS B 109 13.79 -19.97 24.79
C CYS B 109 13.82 -19.98 24.70
N GLN B 110 13.75 -20.88 23.84
N GLN B 110 13.51 -21.04 23.98
CA GLN B 110 14.23 -22.25 24.05
CA GLN B 110 14.23 -22.29 24.07
C GLN B 110 14.71 -22.79 22.72
C GLN B 110 14.81 -22.63 22.69
N GLU B 111 15.94 -23.30 22.68
CA GLU B 111 16.44 -23.95 21.48
C GLU B 111 16.03 -25.41 21.53
N ARG B 112 15.36 -25.88 20.48
CA ARG B 112 14.99 -27.29 20.41
C ARG B 112 14.92 -27.69 18.95
N TYR B 113 15.50 -28.86 18.62
CA TYR B 113 15.55 -29.39 17.26
C TYR B 113 16.34 -28.46 16.33
N GLY B 114 17.28 -27.69 16.89
CA GLY B 114 18.03 -26.73 16.12
C GLY B 114 17.23 -25.51 15.71
N LEU B 115 16.08 -25.28 16.32
CA LEU B 115 15.22 -24.14 16.03
C LEU B 115 15.07 -23.29 17.29
N VAL B 116 14.86 -21.99 17.09
CA VAL B 116 14.66 -21.04 18.19
C VAL B 116 13.16 -20.90 18.42
N TRP B 117 12.69 -21.40 19.56
CA TRP B 117 11.28 -21.30 19.93
C TRP B 117 11.09 -20.14 20.90
N VAL B 118 10.02 -19.38 20.68
CA VAL B 118 9.72 -18.21 21.49
C VAL B 118 8.30 -18.32 22.00
N CYS B 119 8.08 -17.97 23.27
CA CYS B 119 6.75 -17.80 23.82
C CYS B 119 6.61 -16.36 24.30
N LEU B 120 5.63 -15.64 23.72
CA LEU B 120 5.38 -14.26 24.09
C LEU B 120 4.61 -14.10 25.41
N GLY B 121 4.02 -15.18 25.93
CA GLY B 121 3.21 -15.06 27.12
C GLY B 121 3.71 -15.94 28.25
N ASN B 122 2.79 -16.65 28.89
CA ASN B 122 3.15 -17.62 29.93
CA ASN B 122 3.14 -17.61 29.93
C ASN B 122 2.96 -19.01 29.37
N PRO B 123 4.03 -19.75 29.10
CA PRO B 123 3.90 -21.04 28.41
C PRO B 123 3.15 -22.07 29.24
N VAL B 124 1.94 -22.41 28.81
CA VAL B 124 1.18 -23.46 29.46
C VAL B 124 1.44 -24.82 28.80
N ASN B 125 1.75 -24.83 27.52
CA ASN B 125 2.06 -26.06 26.81
C ASN B 125 3.55 -26.19 26.55
N ASP B 126 3.99 -27.43 26.34
CA ASP B 126 5.36 -27.69 25.95
C ASP B 126 5.54 -27.53 24.44
N ILE B 127 6.79 -27.43 24.02
CA ILE B 127 7.12 -27.47 22.60
C ILE B 127 6.70 -28.82 22.04
N PRO B 128 6.12 -28.89 20.84
CA PRO B 128 5.70 -30.18 20.27
C PRO B 128 6.83 -31.21 20.24
N SER B 129 6.46 -32.47 20.44
N SER B 129 6.48 -32.47 20.45
CA SER B 129 7.41 -33.57 20.41
CA SER B 129 7.47 -33.54 20.44
C SER B 129 7.79 -33.91 18.98
C SER B 129 7.78 -33.96 19.00
N PHE B 130 9.02 -34.39 18.81
CA PHE B 130 9.53 -34.80 17.49
C PHE B 130 10.44 -35.99 17.74
N PRO B 131 9.87 -37.19 17.87
CA PRO B 131 10.64 -38.32 18.43
C PRO B 131 11.90 -38.66 17.66
N GLU B 132 11.89 -38.55 16.32
CA GLU B 132 13.06 -38.99 15.57
C GLU B 132 14.28 -38.08 15.75
N TRP B 133 14.13 -36.90 16.37
CA TRP B 133 15.26 -36.00 16.54
C TRP B 133 16.44 -36.72 17.20
N ASP B 134 16.15 -37.52 18.21
CA ASP B 134 17.17 -38.23 18.98
C ASP B 134 17.48 -39.62 18.44
N ASP B 135 16.99 -39.97 17.24
CA ASP B 135 17.22 -41.29 16.69
C ASP B 135 18.43 -41.24 15.77
N PRO B 136 19.53 -41.93 16.08
CA PRO B 136 20.69 -41.89 15.19
C PRO B 136 20.48 -42.63 13.87
N ASN B 137 19.41 -43.42 13.71
CA ASN B 137 19.06 -43.98 12.41
C ASN B 137 18.66 -42.90 11.39
N TYR B 138 18.36 -41.69 11.83
CA TYR B 138 17.73 -40.69 10.95
C TYR B 138 18.70 -39.56 10.66
N HIS B 139 18.80 -39.19 9.38
CA HIS B 139 19.50 -37.99 8.96
C HIS B 139 18.53 -36.83 8.94
N LYS B 140 19.05 -35.61 8.94
CA LYS B 140 18.18 -34.44 8.96
C LYS B 140 18.62 -33.43 7.92
N THR B 141 17.66 -32.59 7.52
CA THR B 141 17.94 -31.41 6.72
C THR B 141 16.86 -30.39 7.03
N TYR B 142 17.18 -29.11 6.82
CA TYR B 142 16.23 -28.03 7.03
C TYR B 142 15.94 -27.38 5.68
N THR B 143 14.67 -27.15 5.37
CA THR B 143 14.38 -26.33 4.21
C THR B 143 14.77 -24.90 4.49
N LYS B 144 14.81 -24.09 3.42
CA LYS B 144 14.82 -22.67 3.65
C LYS B 144 13.47 -22.25 4.25
N SER B 145 13.41 -21.01 4.72
N SER B 145 13.44 -21.05 4.78
CA SER B 145 12.16 -20.44 5.22
CA SER B 145 12.17 -20.48 5.17
C SER B 145 11.38 -19.83 4.06
C SER B 145 11.41 -20.06 3.92
N TYR B 146 10.08 -20.11 4.01
CA TYR B 146 9.22 -19.62 2.94
C TYR B 146 8.29 -18.57 3.52
N LEU B 147 8.39 -17.35 3.00
CA LEU B 147 7.46 -16.29 3.40
C LEU B 147 6.21 -16.42 2.53
N ILE B 148 5.05 -16.51 3.16
CA ILE B 148 3.79 -16.79 2.46
C ILE B 148 2.79 -15.71 2.82
N GLN B 149 2.20 -15.08 1.82
CA GLN B 149 1.17 -14.07 2.04
C GLN B 149 -0.19 -14.74 2.16
N ALA B 150 -0.36 -15.49 3.24
CA ALA B 150 -1.64 -16.08 3.58
C ALA B 150 -1.71 -16.23 5.09
N SER B 151 -2.92 -16.35 5.59
CA SER B 151 -3.13 -16.58 7.01
C SER B 151 -2.38 -17.85 7.43
N PRO B 152 -1.74 -17.85 8.59
CA PRO B 152 -1.07 -19.08 9.06
C PRO B 152 -2.02 -20.27 9.18
N PHE B 153 -3.30 -20.01 9.46
CA PHE B 153 -4.27 -21.09 9.55
C PHE B 153 -4.70 -21.60 8.17
N ARG B 154 -4.68 -20.75 7.13
CA ARG B 154 -4.82 -21.28 5.78
C ARG B 154 -3.61 -22.10 5.38
N VAL B 155 -2.40 -21.68 5.79
CA VAL B 155 -1.24 -22.49 5.44
C VAL B 155 -1.36 -23.88 6.07
N MET B 156 -1.75 -23.94 7.35
CA MET B 156 -1.89 -25.27 7.97
C MET B 156 -3.04 -26.06 7.38
N ASP B 157 -4.17 -25.40 7.06
CA ASP B 157 -5.28 -26.06 6.36
C ASP B 157 -4.79 -26.80 5.13
N ASN B 158 -3.94 -26.15 4.34
CA ASN B 158 -3.41 -26.77 3.11
C ASN B 158 -2.51 -27.96 3.40
N SER B 159 -1.77 -27.91 4.52
N SER B 159 -1.76 -27.92 4.51
CA SER B 159 -0.89 -29.01 4.89
CA SER B 159 -0.90 -29.06 4.82
C SER B 159 -1.63 -30.17 5.55
C SER B 159 -1.68 -30.21 5.44
N ILE B 160 -2.88 -29.96 5.95
CA ILE B 160 -3.72 -31.05 6.46
C ILE B 160 -4.48 -31.72 5.32
N ASP B 161 -4.80 -30.95 4.28
CA ASP B 161 -5.49 -31.43 3.09
C ASP B 161 -4.67 -32.51 2.39
N VAL B 162 -5.31 -33.61 2.01
CA VAL B 162 -4.62 -34.65 1.25
C VAL B 162 -5.19 -34.87 -0.15
N SER B 163 -6.42 -34.45 -0.43
CA SER B 163 -6.99 -34.76 -1.73
C SER B 163 -6.39 -33.93 -2.87
N HIS B 164 -5.66 -32.85 -2.56
CA HIS B 164 -5.07 -32.05 -3.63
C HIS B 164 -3.84 -32.69 -4.25
N PHE B 165 -3.29 -33.77 -3.67
CA PHE B 165 -2.02 -34.32 -4.16
C PHE B 165 -2.01 -34.62 -5.66
N PRO B 166 -3.00 -35.30 -6.24
CA PRO B 166 -2.89 -35.65 -7.67
C PRO B 166 -3.10 -34.46 -8.59
N PHE B 167 -3.43 -33.29 -8.05
CA PHE B 167 -3.69 -32.15 -8.92
C PHE B 167 -2.51 -31.20 -8.83
N ILE B 168 -2.38 -30.44 -7.75
CA ILE B 168 -1.28 -29.49 -7.80
C ILE B 168 0.08 -30.14 -7.57
N HIS B 169 0.13 -31.38 -7.06
CA HIS B 169 1.39 -32.10 -6.95
C HIS B 169 1.47 -33.26 -7.93
N ASP B 170 0.71 -33.19 -9.03
CA ASP B 170 0.76 -34.24 -10.04
C ASP B 170 2.20 -34.50 -10.48
N GLY B 171 2.59 -35.78 -10.51
CA GLY B 171 3.96 -36.14 -10.84
C GLY B 171 4.93 -36.09 -9.69
N TRP B 172 4.53 -35.57 -8.52
CA TRP B 172 5.39 -35.53 -7.35
C TRP B 172 4.82 -36.30 -6.18
N LEU B 173 3.58 -36.03 -5.79
CA LEU B 173 2.96 -36.68 -4.63
C LEU B 173 1.67 -37.36 -5.01
N GLY B 174 1.30 -37.32 -6.27
CA GLY B 174 0.09 -37.96 -6.74
C GLY B 174 0.22 -38.11 -8.23
N ASP B 175 -0.84 -38.63 -8.81
CA ASP B 175 -0.87 -39.13 -10.17
C ASP B 175 -2.25 -38.78 -10.70
N ARG B 176 -2.32 -38.03 -11.80
CA ARG B 176 -3.61 -37.62 -12.34
C ARG B 176 -4.51 -38.82 -12.69
N ASN B 177 -3.98 -40.04 -12.66
CA ASN B 177 -4.76 -41.23 -12.98
C ASN B 177 -5.29 -41.96 -11.77
N TYR B 178 -4.82 -41.62 -10.57
CA TYR B 178 -5.35 -42.15 -9.31
C TYR B 178 -5.78 -40.96 -8.49
N THR B 179 -6.99 -40.47 -8.76
CA THR B 179 -7.49 -39.30 -8.05
C THR B 179 -8.38 -39.66 -6.89
N LYS B 180 -8.88 -40.90 -6.81
CA LYS B 180 -9.75 -41.29 -5.72
C LYS B 180 -9.00 -41.26 -4.40
N VAL B 181 -9.64 -40.74 -3.36
CA VAL B 181 -9.01 -40.60 -2.04
C VAL B 181 -9.55 -41.72 -1.16
N GLU B 182 -8.66 -42.65 -0.80
N GLU B 182 -8.66 -42.65 -0.79
CA GLU B 182 -9.02 -43.75 0.07
CA GLU B 182 -9.08 -43.76 0.04
C GLU B 182 -9.55 -43.22 1.40
C GLU B 182 -9.59 -43.26 1.40
N ASP B 183 -10.38 -44.04 2.03
N ASP B 183 -10.40 -44.08 2.05
CA ASP B 183 -10.95 -43.66 3.35
CA ASP B 183 -10.91 -43.75 3.37
C ASP B 183 -9.84 -43.66 4.41
C ASP B 183 -9.76 -43.61 4.36
N PHE B 184 -9.94 -42.72 5.34
CA PHE B 184 -8.98 -42.59 6.44
C PHE B 184 -9.73 -41.99 7.61
N GLU B 185 -9.12 -42.08 8.79
CA GLU B 185 -9.74 -41.62 10.01
C GLU B 185 -9.05 -40.37 10.51
N VAL B 186 -9.81 -39.54 11.21
CA VAL B 186 -9.29 -38.35 11.85
CA VAL B 186 -9.30 -38.34 11.84
C VAL B 186 -9.87 -38.28 13.25
N LYS B 187 -9.06 -37.81 14.21
CA LYS B 187 -9.51 -37.67 15.58
C LYS B 187 -9.06 -36.32 16.11
N VAL B 188 -9.95 -35.67 16.84
CA VAL B 188 -9.60 -34.53 17.67
C VAL B 188 -9.81 -34.95 19.12
N ASP B 189 -8.73 -34.93 19.92
CA ASP B 189 -8.84 -35.42 21.30
C ASP B 189 -7.67 -34.82 22.09
N LYS B 190 -7.32 -35.45 23.22
CA LYS B 190 -6.25 -34.91 24.04
C LYS B 190 -4.91 -34.79 23.31
N ASP B 191 -4.67 -35.63 22.30
CA ASP B 191 -3.44 -35.53 21.53
C ASP B 191 -3.44 -34.35 20.56
N GLY B 192 -4.58 -33.69 20.37
CA GLY B 192 -4.72 -32.64 19.39
C GLY B 192 -5.49 -33.19 18.22
N LEU B 193 -5.04 -32.88 17.01
N LEU B 193 -5.07 -32.86 17.00
CA LEU B 193 -5.63 -33.38 15.77
CA LEU B 193 -5.66 -33.41 15.80
C LEU B 193 -4.70 -34.43 15.17
C LEU B 193 -4.71 -34.45 15.22
N THR B 194 -5.23 -35.65 14.97
CA THR B 194 -4.46 -36.73 14.36
C THR B 194 -5.16 -37.23 13.11
N MET B 195 -4.44 -37.27 12.00
CA MET B 195 -4.93 -37.97 10.82
C MET B 195 -4.31 -39.36 10.82
N GLY B 196 -5.15 -40.39 10.88
CA GLY B 196 -4.69 -41.75 10.83
C GLY B 196 -4.07 -42.09 9.50
N LYS B 197 -3.54 -43.30 9.42
CA LYS B 197 -2.80 -43.73 8.25
C LYS B 197 -3.63 -43.58 6.98
N TYR B 198 -3.03 -42.98 5.96
CA TYR B 198 -3.72 -42.66 4.71
C TYR B 198 -2.82 -43.14 3.58
N GLN B 199 -3.28 -44.13 2.82
CA GLN B 199 -2.50 -44.65 1.70
C GLN B 199 -2.84 -43.94 0.40
N PHE B 200 -1.81 -43.63 -0.38
CA PHE B 200 -1.98 -42.98 -1.66
C PHE B 200 -0.92 -43.50 -2.64
N GLN B 201 -1.19 -43.26 -3.91
CA GLN B 201 -0.44 -43.85 -5.02
C GLN B 201 0.46 -42.79 -5.64
N THR B 202 1.77 -43.00 -5.58
CA THR B 202 2.72 -42.12 -6.26
C THR B 202 4.12 -42.71 -6.16
N SER B 203 4.89 -42.57 -7.23
CA SER B 203 6.34 -42.73 -7.15
C SER B 203 6.94 -41.42 -6.67
N ARG B 204 8.04 -41.50 -5.94
CA ARG B 204 8.67 -40.30 -5.40
C ARG B 204 10.14 -40.24 -5.77
N ILE B 205 10.65 -39.01 -5.90
CA ILE B 205 12.00 -38.84 -6.39
C ILE B 205 13.02 -39.32 -5.38
N VAL B 206 12.63 -39.48 -4.11
CA VAL B 206 13.56 -39.88 -3.07
C VAL B 206 13.60 -41.40 -2.91
N SER B 207 12.90 -42.13 -3.77
CA SER B 207 12.93 -43.59 -3.65
C SER B 207 12.97 -44.21 -5.03
N HIS B 208 12.83 -45.54 -5.07
CA HIS B 208 12.89 -46.30 -6.31
C HIS B 208 11.59 -46.15 -7.08
N ILE B 209 11.68 -46.38 -8.40
CA ILE B 209 10.56 -46.13 -9.29
C ILE B 209 9.38 -47.02 -8.95
N GLU B 210 9.64 -48.25 -8.53
CA GLU B 210 8.55 -49.17 -8.23
C GLU B 210 7.99 -49.00 -6.83
N ASP B 211 8.59 -48.12 -6.01
CA ASP B 211 8.14 -47.92 -4.63
C ASP B 211 7.03 -46.87 -4.67
N ASP B 212 5.84 -47.29 -5.08
CA ASP B 212 4.83 -46.32 -5.51
C ASP B 212 3.57 -46.33 -4.63
N SER B 213 3.65 -46.87 -3.43
CA SER B 213 2.54 -46.86 -2.49
C SER B 213 3.04 -46.33 -1.15
N TRP B 214 2.57 -45.13 -0.80
CA TRP B 214 3.03 -44.39 0.36
C TRP B 214 1.91 -44.27 1.39
N VAL B 215 2.27 -44.17 2.67
CA VAL B 215 1.27 -44.05 3.71
C VAL B 215 1.66 -42.90 4.61
N ASN B 216 0.76 -41.93 4.76
CA ASN B 216 0.99 -40.74 5.56
C ASN B 216 0.16 -40.80 6.83
N TRP B 217 0.62 -40.03 7.83
CA TRP B 217 0.02 -39.95 9.14
C TRP B 217 0.51 -38.64 9.73
N PHE B 218 -0.32 -37.93 10.49
CA PHE B 218 0.24 -36.76 11.15
C PHE B 218 -0.53 -36.41 12.41
N ARG B 219 0.13 -35.61 13.26
CA ARG B 219 -0.44 -35.12 14.50
C ARG B 219 -0.08 -33.66 14.70
N LEU B 220 -1.08 -32.85 15.06
CA LEU B 220 -0.88 -31.49 15.53
C LEU B 220 -1.27 -31.47 17.00
N SER B 221 -0.30 -31.31 17.89
CA SER B 221 -0.69 -30.97 19.26
C SER B 221 -0.86 -29.48 19.43
N HIS B 222 -0.25 -28.73 18.53
CA HIS B 222 -0.19 -27.27 18.45
C HIS B 222 -0.81 -26.89 17.11
N PRO B 223 -1.72 -25.91 17.04
CA PRO B 223 -2.45 -25.69 15.76
C PRO B 223 -1.58 -25.18 14.61
N LEU B 224 -0.33 -24.77 14.86
CA LEU B 224 0.55 -24.28 13.79
C LEU B 224 1.83 -25.09 13.66
N CYS B 225 1.91 -26.26 14.30
N CYS B 225 1.87 -26.29 14.24
CA CYS B 225 2.99 -27.20 14.05
CA CYS B 225 2.99 -27.20 14.09
C CYS B 225 2.39 -28.54 13.69
C CYS B 225 2.47 -28.59 13.78
N GLN B 226 3.01 -29.23 12.75
CA GLN B 226 2.55 -30.54 12.31
C GLN B 226 3.72 -31.51 12.28
N TYR B 227 3.55 -32.65 12.96
CA TYR B 227 4.47 -33.78 12.89
C TYR B 227 3.93 -34.77 11.87
N CYS B 228 4.63 -34.97 10.77
N CYS B 228 4.65 -34.95 10.77
CA CYS B 228 4.13 -35.81 9.68
CA CYS B 228 4.23 -35.80 9.66
C CYS B 228 5.08 -36.96 9.42
C CYS B 228 5.11 -37.02 9.57
N VAL B 229 4.49 -38.15 9.24
CA VAL B 229 5.21 -39.39 8.94
C VAL B 229 4.75 -39.89 7.59
N SER B 230 5.69 -40.09 6.67
N SER B 230 5.69 -40.09 6.67
N SER B 230 5.70 -40.11 6.69
CA SER B 230 5.41 -40.64 5.35
CA SER B 230 5.41 -40.64 5.35
CA SER B 230 5.41 -40.65 5.36
C SER B 230 6.25 -41.88 5.16
C SER B 230 6.25 -41.88 5.16
C SER B 230 6.26 -41.89 5.18
N GLU B 231 5.61 -43.03 4.93
CA GLU B 231 6.30 -44.31 4.98
C GLU B 231 5.94 -45.21 3.82
N SER B 232 6.97 -45.85 3.25
CA SER B 232 6.82 -46.87 2.22
C SER B 232 7.46 -48.14 2.75
N PRO B 233 7.38 -49.27 2.02
CA PRO B 233 8.14 -50.45 2.43
C PRO B 233 9.64 -50.22 2.38
N GLU B 234 10.12 -49.19 1.68
CA GLU B 234 11.55 -49.01 1.55
C GLU B 234 12.12 -47.89 2.40
N MET B 235 11.31 -46.90 2.79
CA MET B 235 11.89 -45.77 3.51
C MET B 235 10.82 -45.12 4.37
N ARG B 236 11.29 -44.44 5.42
CA ARG B 236 10.42 -43.69 6.31
C ARG B 236 10.94 -42.27 6.42
N ILE B 237 10.07 -41.29 6.16
CA ILE B 237 10.40 -39.88 6.19
C ILE B 237 9.51 -39.21 7.22
N VAL B 238 10.10 -38.44 8.13
CA VAL B 238 9.31 -37.68 9.08
C VAL B 238 9.66 -36.22 8.94
N ASP B 239 8.72 -35.36 9.29
CA ASP B 239 9.06 -33.94 9.25
C ASP B 239 8.29 -33.20 10.32
N LEU B 240 8.86 -32.08 10.74
CA LEU B 240 8.25 -31.16 11.66
C LEU B 240 8.07 -29.86 10.89
N MET B 241 6.83 -29.57 10.55
N MET B 241 6.84 -29.52 10.58
CA MET B 241 6.50 -28.32 9.87
CA MET B 241 6.56 -28.31 9.83
C MET B 241 6.10 -27.31 10.93
C MET B 241 6.02 -27.27 10.81
N THR B 242 6.65 -26.10 10.84
CA THR B 242 6.28 -25.05 11.77
C THR B 242 5.86 -23.83 10.95
N ILE B 243 4.80 -23.19 11.38
CA ILE B 243 4.28 -22.00 10.71
C ILE B 243 4.33 -20.86 11.71
N ALA B 244 5.17 -19.87 11.41
CA ALA B 244 5.32 -18.71 12.26
C ALA B 244 4.24 -17.69 11.90
N PRO B 245 3.36 -17.35 12.80
CA PRO B 245 2.31 -16.38 12.48
C PRO B 245 2.82 -14.95 12.61
N ILE B 246 3.32 -14.41 11.50
CA ILE B 246 3.87 -13.05 11.46
C ILE B 246 2.78 -12.04 11.82
N ASP B 247 1.68 -12.07 11.09
CA ASP B 247 0.46 -11.40 11.51
C ASP B 247 -0.71 -12.23 11.03
N GLU B 248 -1.90 -11.64 10.95
CA GLU B 248 -3.08 -12.40 10.56
C GLU B 248 -3.02 -12.86 9.11
N ASP B 249 -2.20 -12.21 8.28
CA ASP B 249 -2.27 -12.44 6.85
C ASP B 249 -0.95 -12.89 6.25
N ASN B 250 0.07 -13.15 7.08
CA ASN B 250 1.40 -13.50 6.60
C ASN B 250 2.03 -14.53 7.51
N SER B 251 2.77 -15.45 6.92
CA SER B 251 3.29 -16.61 7.65
C SER B 251 4.70 -16.91 7.18
N VAL B 252 5.49 -17.56 8.04
CA VAL B 252 6.77 -18.11 7.62
C VAL B 252 6.71 -19.62 7.85
N LEU B 253 6.86 -20.38 6.76
CA LEU B 253 6.86 -21.83 6.83
C LEU B 253 8.30 -22.34 6.90
N ARG B 254 8.58 -23.24 7.84
CA ARG B 254 9.84 -23.95 7.90
C ARG B 254 9.54 -25.44 8.03
N MET B 255 10.40 -26.29 7.46
N MET B 255 10.41 -26.24 7.45
CA MET B 255 10.26 -27.72 7.63
CA MET B 255 10.35 -27.68 7.60
C MET B 255 11.57 -28.37 8.00
C MET B 255 11.66 -28.20 8.15
N LEU B 256 11.58 -29.16 9.07
CA LEU B 256 12.72 -29.97 9.46
C LEU B 256 12.40 -31.39 9.04
N ILE B 257 13.19 -31.95 8.13
CA ILE B 257 12.93 -33.22 7.49
C ILE B 257 13.94 -34.24 7.98
N MET B 258 13.47 -35.42 8.39
CA MET B 258 14.38 -36.48 8.78
C MET B 258 14.00 -37.77 8.05
N TRP B 259 15.01 -38.61 7.77
CA TRP B 259 14.71 -39.83 7.03
C TRP B 259 15.67 -40.95 7.44
N ASN B 260 15.16 -42.17 7.40
N ASN B 260 15.22 -42.21 7.28
CA ASN B 260 15.95 -43.35 7.72
CA ASN B 260 15.93 -43.39 7.76
C ASN B 260 16.40 -44.02 6.42
C ASN B 260 16.85 -44.04 6.72
N GLY B 261 17.27 -43.30 5.71
CA GLY B 261 17.94 -43.88 4.57
C GLY B 261 19.28 -43.21 4.34
N SER B 262 19.82 -43.33 3.13
CA SER B 262 21.15 -42.81 2.86
C SER B 262 21.18 -41.29 3.03
N GLU B 263 22.26 -40.79 3.65
CA GLU B 263 22.47 -39.35 3.71
C GLU B 263 22.61 -38.73 2.34
N MET B 264 22.94 -39.53 1.32
CA MET B 264 23.08 -39.04 -0.05
C MET B 264 21.76 -38.50 -0.59
N LEU B 265 20.63 -38.88 0.02
CA LEU B 265 19.32 -38.47 -0.47
C LEU B 265 18.98 -37.01 -0.17
N GLU B 266 19.83 -36.29 0.56
CA GLU B 266 19.47 -34.97 1.06
C GLU B 266 19.10 -34.00 -0.06
N SER B 267 19.89 -33.96 -1.13
N SER B 267 19.90 -33.96 -1.13
CA SER B 267 19.61 -33.02 -2.20
CA SER B 267 19.62 -33.03 -2.22
C SER B 267 18.26 -33.29 -2.86
C SER B 267 18.25 -33.30 -2.85
N LYS B 268 17.97 -34.57 -3.13
CA LYS B 268 16.67 -34.91 -3.71
C LYS B 268 15.53 -34.59 -2.73
N MET B 269 15.76 -34.79 -1.43
N MET B 269 15.75 -34.80 -1.43
CA MET B 269 14.74 -34.47 -0.44
CA MET B 269 14.73 -34.47 -0.44
C MET B 269 14.39 -32.98 -0.48
C MET B 269 14.39 -32.98 -0.49
N LEU B 270 15.42 -32.13 -0.47
CA LEU B 270 15.18 -30.68 -0.53
C LEU B 270 14.53 -30.29 -1.85
N THR B 271 14.89 -30.97 -2.94
CA THR B 271 14.25 -30.66 -4.23
C THR B 271 12.78 -31.01 -4.22
N GLU B 272 12.43 -32.19 -3.72
CA GLU B 272 11.02 -32.56 -3.70
C GLU B 272 10.21 -31.59 -2.85
N TYR B 273 10.71 -31.29 -1.64
CA TYR B 273 9.97 -30.40 -0.76
C TYR B 273 9.88 -28.99 -1.31
N ASP B 274 10.96 -28.49 -1.91
CA ASP B 274 10.87 -27.18 -2.56
C ASP B 274 9.83 -27.19 -3.68
N GLU B 275 9.84 -28.22 -4.54
CA GLU B 275 8.85 -28.30 -5.61
C GLU B 275 7.43 -28.28 -5.06
N THR B 276 7.15 -29.10 -4.04
CA THR B 276 5.77 -29.20 -3.59
C THR B 276 5.36 -28.00 -2.74
N ILE B 277 6.25 -27.47 -1.91
CA ILE B 277 5.92 -26.27 -1.12
C ILE B 277 5.58 -25.12 -2.06
N GLU B 278 6.33 -24.98 -3.15
CA GLU B 278 6.03 -23.89 -4.06
C GLU B 278 4.71 -24.11 -4.80
N GLN B 279 4.38 -25.36 -5.13
CA GLN B 279 3.07 -25.64 -5.72
C GLN B 279 1.95 -25.28 -4.75
N ASP B 280 2.12 -25.60 -3.46
CA ASP B 280 1.14 -25.20 -2.46
C ASP B 280 1.04 -23.67 -2.33
N ILE B 281 2.17 -22.97 -2.37
CA ILE B 281 2.13 -21.52 -2.16
C ILE B 281 1.35 -20.82 -3.28
N ARG B 282 1.47 -21.32 -4.51
CA ARG B 282 0.69 -20.71 -5.59
C ARG B 282 -0.80 -20.73 -5.26
N ILE B 283 -1.28 -21.82 -4.69
CA ILE B 283 -2.68 -21.93 -4.30
C ILE B 283 -2.97 -21.01 -3.12
N LEU B 284 -2.14 -21.10 -2.08
CA LEU B 284 -2.31 -20.31 -0.86
C LEU B 284 -2.46 -18.83 -1.15
N HIS B 285 -1.59 -18.31 -2.01
CA HIS B 285 -1.60 -16.87 -2.30
C HIS B 285 -2.88 -16.44 -2.99
N SER B 286 -3.58 -17.37 -3.62
CA SER B 286 -4.78 -17.09 -4.42
C SER B 286 -6.08 -17.21 -3.64
N GLN B 287 -6.07 -17.89 -2.49
CA GLN B 287 -7.33 -18.20 -1.82
C GLN B 287 -7.97 -16.97 -1.21
N GLN B 288 -9.30 -16.90 -1.33
CA GLN B 288 -10.10 -15.85 -0.72
C GLN B 288 -11.28 -16.48 0.01
N PRO B 289 -11.77 -15.93 1.18
CA PRO B 289 -11.13 -14.85 1.99
C PRO B 289 -9.72 -15.25 2.45
N ALA B 290 -8.91 -14.26 2.79
CA ALA B 290 -7.56 -14.54 3.31
C ALA B 290 -7.67 -15.33 4.62
N ARG B 291 -8.51 -14.87 5.52
CA ARG B 291 -8.68 -15.58 6.81
C ARG B 291 -9.29 -16.96 6.57
N LEU B 292 -8.89 -17.95 7.36
CA LEU B 292 -9.47 -19.30 7.24
C LEU B 292 -10.93 -19.28 7.68
N PRO B 293 -11.94 -19.64 6.85
CA PRO B 293 -13.32 -19.69 7.35
C PRO B 293 -13.50 -20.88 8.26
N LEU B 294 -14.11 -20.65 9.42
CA LEU B 294 -14.45 -21.74 10.31
C LEU B 294 -15.81 -22.32 9.91
N LEU B 295 -16.28 -23.30 10.65
CA LEU B 295 -17.54 -23.94 10.28
C LEU B 295 -18.71 -23.05 10.68
N ALA B 296 -19.77 -23.08 9.88
CA ALA B 296 -20.91 -22.20 10.09
C ALA B 296 -22.19 -22.78 9.51
N GLY B 304 -21.81 -12.17 0.48
CA GLY B 304 -20.73 -12.09 -0.50
C GLY B 304 -20.37 -13.43 -1.12
N LEU B 305 -19.21 -13.96 -0.73
CA LEU B 305 -18.75 -15.22 -1.29
C LEU B 305 -19.54 -16.39 -0.71
N PRO B 306 -19.72 -17.46 -1.48
CA PRO B 306 -20.46 -18.62 -0.97
C PRO B 306 -19.71 -19.30 0.16
N GLN B 307 -20.47 -20.02 0.99
CA GLN B 307 -19.90 -20.82 2.06
C GLN B 307 -19.08 -21.97 1.48
N GLU B 308 -18.04 -22.37 2.22
CA GLU B 308 -17.26 -23.55 1.84
C GLU B 308 -18.12 -24.80 1.78
N ILE B 309 -17.85 -25.64 0.80
CA ILE B 309 -18.45 -26.96 0.66
C ILE B 309 -17.46 -27.99 1.17
N HIS B 310 -17.96 -29.05 1.81
CA HIS B 310 -17.11 -30.10 2.36
C HIS B 310 -17.58 -31.46 1.85
N VAL B 311 -16.61 -32.29 1.44
CA VAL B 311 -16.91 -33.65 0.99
C VAL B 311 -16.20 -34.58 1.97
N PRO B 312 -16.41 -35.90 1.90
CA PRO B 312 -15.86 -36.77 2.97
C PRO B 312 -14.35 -36.71 3.09
N SER B 313 -13.62 -36.59 1.99
CA SER B 313 -12.17 -36.52 2.07
C SER B 313 -11.67 -35.20 2.65
N ASP B 314 -12.56 -34.24 2.89
CA ASP B 314 -12.24 -33.05 3.68
C ASP B 314 -12.36 -33.29 5.18
N ARG B 315 -12.53 -34.53 5.66
CA ARG B 315 -12.81 -34.72 7.08
C ARG B 315 -11.70 -34.17 7.97
N GLY B 316 -10.45 -34.23 7.52
CA GLY B 316 -9.36 -33.64 8.28
C GLY B 316 -9.39 -32.12 8.33
N THR B 317 -9.66 -31.47 7.19
CA THR B 317 -9.67 -30.02 7.22
C THR B 317 -10.93 -29.51 7.91
N VAL B 318 -12.04 -30.27 7.86
CA VAL B 318 -13.21 -29.93 8.65
C VAL B 318 -12.90 -30.03 10.14
N ALA B 319 -12.30 -31.15 10.55
CA ALA B 319 -11.92 -31.31 11.94
C ALA B 319 -10.99 -30.19 12.39
N TYR B 320 -10.10 -29.72 11.50
CA TYR B 320 -9.21 -28.63 11.87
C TYR B 320 -9.99 -27.37 12.17
N ARG B 321 -10.95 -27.02 11.32
CA ARG B 321 -11.77 -25.83 11.57
C ARG B 321 -12.56 -25.96 12.87
N ARG B 322 -13.09 -27.16 13.14
CA ARG B 322 -13.79 -27.39 14.40
C ARG B 322 -12.85 -27.21 15.59
N TRP B 323 -11.64 -27.77 15.49
CA TRP B 323 -10.67 -27.66 16.58
C TRP B 323 -10.30 -26.21 16.87
N LEU B 324 -10.06 -25.41 15.83
CA LEU B 324 -9.68 -24.01 16.04
C LEU B 324 -10.78 -23.24 16.76
N LYS B 325 -12.04 -23.53 16.43
CA LYS B 325 -13.16 -22.94 17.15
C LYS B 325 -13.16 -23.38 18.62
N GLU B 326 -13.00 -24.68 18.87
CA GLU B 326 -12.93 -25.18 20.23
C GLU B 326 -11.79 -24.54 21.01
N LEU B 327 -10.67 -24.23 20.33
CA LEU B 327 -9.52 -23.64 20.98
C LEU B 327 -9.68 -22.14 21.24
N GLY B 328 -10.71 -21.51 20.69
CA GLY B 328 -10.89 -20.08 20.85
C GLY B 328 -10.13 -19.20 19.87
N VAL B 329 -9.66 -19.74 18.75
CA VAL B 329 -8.85 -18.95 17.82
C VAL B 329 -9.76 -17.95 17.10
N THR B 330 -9.36 -16.69 17.11
CA THR B 330 -10.00 -15.63 16.35
C THR B 330 -9.04 -14.91 15.41
N TYR B 331 -7.74 -15.12 15.59
CA TYR B 331 -6.68 -14.48 14.81
C TYR B 331 -6.47 -15.21 13.49
N GLY B 332 -6.56 -14.48 12.38
CA GLY B 332 -6.35 -15.09 11.07
C GLY B 332 -7.43 -16.05 10.62
N VAL B 333 -8.59 -16.04 11.28
CA VAL B 333 -9.70 -16.91 10.90
C VAL B 333 -10.94 -16.04 10.80
N CYS B 334 -11.95 -16.55 10.10
CA CYS B 334 -13.17 -15.78 9.87
C CYS B 334 -14.37 -16.72 9.72
N MET C 1 -4.16 14.74 5.83
CA MET C 1 -4.65 15.00 7.18
C MET C 1 -4.31 16.43 7.64
N THR C 2 -5.34 17.19 7.97
CA THR C 2 -5.21 18.57 8.39
C THR C 2 -5.49 18.71 9.88
N THR C 3 -5.08 19.86 10.43
CA THR C 3 -5.18 20.13 11.85
C THR C 3 -6.06 21.35 12.10
N ALA C 4 -6.59 21.40 13.33
CA ALA C 4 -7.20 22.62 13.86
C ALA C 4 -6.31 23.32 14.87
N ASP C 5 -5.16 22.73 15.23
CA ASP C 5 -4.29 23.35 16.23
C ASP C 5 -3.91 24.75 15.78
N LEU C 6 -4.25 25.75 16.61
CA LEU C 6 -4.01 27.14 16.25
C LEU C 6 -2.52 27.46 16.24
N ILE C 7 -1.76 26.89 17.17
CA ILE C 7 -0.32 27.11 17.17
C ILE C 7 0.31 26.69 15.85
N LEU C 8 -0.35 25.79 15.12
CA LEU C 8 0.12 25.33 13.81
C LEU C 8 -0.53 26.07 12.66
N ILE C 9 -1.87 26.16 12.65
CA ILE C 9 -2.55 26.81 11.52
C ILE C 9 -2.27 28.30 11.51
N ASN C 10 -2.24 28.94 12.68
CA ASN C 10 -2.04 30.38 12.76
C ASN C 10 -0.56 30.78 12.82
N ASN C 11 0.34 29.89 12.41
CA ASN C 11 1.76 30.18 12.47
C ASN C 11 2.35 30.11 11.06
N TRP C 12 3.57 30.65 10.92
CA TRP C 12 4.28 30.66 9.65
C TRP C 12 5.17 29.42 9.52
N HIS C 13 5.18 28.83 8.32
CA HIS C 13 6.02 27.68 8.05
C HIS C 13 6.76 27.87 6.72
N VAL C 14 8.05 27.54 6.71
CA VAL C 14 8.82 27.58 5.47
C VAL C 14 8.37 26.46 4.56
N VAL C 15 8.06 26.79 3.30
CA VAL C 15 7.67 25.80 2.31
C VAL C 15 8.61 25.74 1.12
N ALA C 16 9.57 26.66 1.00
CA ALA C 16 10.43 26.71 -0.17
C ALA C 16 11.54 27.72 0.05
N ASN C 17 12.58 27.59 -0.76
CA ASN C 17 13.65 28.56 -0.83
C ASN C 17 13.36 29.53 -1.97
N VAL C 18 13.61 30.82 -1.73
CA VAL C 18 13.23 31.84 -2.71
C VAL C 18 13.92 31.62 -4.05
N GLU C 19 15.15 31.13 -4.04
CA GLU C 19 15.83 30.85 -5.30
C GLU C 19 15.18 29.72 -6.08
N ASP C 20 14.35 28.89 -5.43
CA ASP C 20 13.62 27.84 -6.14
C ASP C 20 12.39 28.36 -6.87
N CYS C 21 11.98 29.60 -6.66
CA CYS C 21 10.76 30.16 -7.27
C CYS C 21 11.20 31.28 -8.21
N LYS C 22 11.61 30.92 -9.42
CA LYS C 22 12.04 31.91 -10.39
C LYS C 22 10.84 32.58 -11.06
N PRO C 23 11.05 33.73 -11.69
CA PRO C 23 9.94 34.39 -12.41
C PRO C 23 9.33 33.48 -13.47
N GLY C 24 8.00 33.49 -13.52
CA GLY C 24 7.27 32.66 -14.46
C GLY C 24 7.16 31.20 -14.09
N SER C 25 7.61 30.81 -12.89
CA SER C 25 7.69 29.40 -12.52
C SER C 25 6.46 28.95 -11.74
N ILE C 26 6.24 27.64 -11.75
CA ILE C 26 5.20 26.98 -10.95
C ILE C 26 5.89 25.87 -10.18
N THR C 27 5.68 25.85 -8.85
CA THR C 27 6.20 24.78 -8.03
C THR C 27 5.10 24.35 -7.07
N THR C 28 5.31 23.20 -6.43
CA THR C 28 4.32 22.63 -5.52
C THR C 28 4.95 22.39 -4.15
N ALA C 29 4.07 22.24 -3.16
CA ALA C 29 4.51 21.90 -1.82
C ALA C 29 3.30 21.37 -1.06
N ARG C 30 3.56 20.73 0.07
CA ARG C 30 2.51 20.30 0.97
C ARG C 30 2.76 20.91 2.34
N LEU C 31 1.69 21.31 3.02
CA LEU C 31 1.83 21.86 4.35
C LEU C 31 0.61 21.48 5.16
N LEU C 32 0.82 20.77 6.27
CA LEU C 32 -0.28 20.44 7.18
C LEU C 32 -1.43 19.77 6.43
N GLY C 33 -1.08 18.87 5.51
CA GLY C 33 -2.07 18.12 4.76
C GLY C 33 -2.68 18.85 3.58
N VAL C 34 -2.24 20.06 3.27
CA VAL C 34 -2.78 20.86 2.17
C VAL C 34 -1.79 20.84 1.01
N LYS C 35 -2.30 20.62 -0.20
CA LYS C 35 -1.47 20.73 -1.40
C LYS C 35 -1.42 22.18 -1.84
N LEU C 36 -0.21 22.70 -2.04
CA LEU C 36 0.00 24.10 -2.36
C LEU C 36 0.59 24.23 -3.75
N VAL C 37 0.20 25.29 -4.44
CA VAL C 37 0.89 25.72 -5.65
C VAL C 37 1.48 27.09 -5.38
N LEU C 38 2.76 27.27 -5.76
CA LEU C 38 3.47 28.53 -5.67
C LEU C 38 3.76 29.00 -7.08
N TRP C 39 3.41 30.25 -7.39
CA TRP C 39 3.72 30.72 -8.73
C TRP C 39 4.05 32.21 -8.70
N ARG C 40 4.74 32.63 -9.77
CA ARG C 40 5.15 34.02 -9.97
C ARG C 40 4.94 34.38 -11.42
N SER C 41 4.54 35.63 -11.67
CA SER C 41 4.52 36.13 -13.03
C SER C 41 5.95 36.31 -13.55
N GLN C 42 6.07 36.54 -14.86
CA GLN C 42 7.38 36.62 -15.49
C GLN C 42 8.07 37.96 -15.28
N GLU C 43 7.34 39.00 -14.87
CA GLU C 43 7.95 40.30 -14.66
C GLU C 43 8.97 40.24 -13.54
N GLN C 44 9.96 41.12 -13.61
CA GLN C 44 11.04 41.13 -12.63
C GLN C 44 10.48 41.46 -11.25
N ASN C 45 11.00 40.75 -10.25
CA ASN C 45 10.67 40.97 -8.84
C ASN C 45 9.17 40.81 -8.57
N SER C 46 8.49 39.99 -9.37
CA SER C 46 7.09 39.71 -9.15
C SER C 46 6.91 39.01 -7.80
N PRO C 47 5.76 39.18 -7.16
CA PRO C 47 5.53 38.51 -5.88
C PRO C 47 5.22 37.03 -6.08
N ILE C 48 5.36 36.27 -4.99
CA ILE C 48 5.08 34.84 -4.99
C ILE C 48 3.66 34.62 -4.51
N GLN C 49 2.85 33.92 -5.31
CA GLN C 49 1.52 33.50 -4.89
C GLN C 49 1.58 32.09 -4.32
N VAL C 50 0.85 31.85 -3.23
CA VAL C 50 0.75 30.53 -2.62
C VAL C 50 -0.73 30.21 -2.42
N TRP C 51 -1.22 29.27 -3.21
CA TRP C 51 -2.64 28.92 -3.23
C TRP C 51 -2.83 27.42 -2.96
N GLN C 52 -4.03 27.06 -2.53
CA GLN C 52 -4.41 25.66 -2.59
C GLN C 52 -4.40 25.20 -4.04
N ASP C 53 -3.79 24.04 -4.29
CA ASP C 53 -3.50 23.57 -5.64
C ASP C 53 -4.73 22.87 -6.21
N TYR C 54 -5.70 23.68 -6.62
CA TYR C 54 -7.02 23.15 -6.89
C TYR C 54 -7.83 24.16 -7.67
N CYS C 55 -8.32 23.78 -8.84
CA CYS C 55 -9.24 24.61 -9.60
C CYS C 55 -10.68 24.27 -9.19
N PRO C 56 -11.47 25.22 -8.70
CA PRO C 56 -12.82 24.89 -8.19
C PRO C 56 -13.83 24.55 -9.28
N HIS C 57 -13.46 24.68 -10.56
CA HIS C 57 -14.36 24.28 -11.64
C HIS C 57 -14.57 22.78 -11.66
N ARG C 58 -13.54 22.01 -12.06
CA ARG C 58 -13.64 20.56 -12.11
C ARG C 58 -12.51 19.88 -11.35
N GLY C 59 -11.84 20.58 -10.44
CA GLY C 59 -10.99 19.89 -9.48
C GLY C 59 -9.63 19.46 -9.97
N VAL C 60 -9.10 20.14 -10.98
CA VAL C 60 -7.78 19.86 -11.55
C VAL C 60 -6.73 20.63 -10.74
N PRO C 61 -5.52 20.11 -10.52
CA PRO C 61 -4.50 20.93 -9.84
C PRO C 61 -4.08 22.09 -10.73
N LEU C 62 -4.14 23.30 -10.17
CA LEU C 62 -3.70 24.47 -10.95
C LEU C 62 -2.22 24.37 -11.31
N SER C 63 -1.43 23.63 -10.53
CA SER C 63 -0.01 23.48 -10.82
C SER C 63 0.25 22.78 -12.15
N MET C 64 -0.76 22.17 -12.77
CA MET C 64 -0.59 21.57 -14.07
C MET C 64 -0.84 22.57 -15.20
N GLY C 65 -1.12 23.81 -14.87
CA GLY C 65 -1.36 24.84 -15.86
C GLY C 65 -0.11 25.60 -16.28
N GLU C 66 -0.32 26.85 -16.68
CA GLU C 66 0.76 27.68 -17.17
C GLU C 66 0.57 29.10 -16.65
N VAL C 67 1.68 29.80 -16.50
CA VAL C 67 1.66 31.21 -16.15
C VAL C 67 1.60 32.00 -17.45
N ALA C 68 0.59 32.86 -17.56
CA ALA C 68 0.41 33.73 -18.72
C ALA C 68 0.27 35.15 -18.20
N ASN C 69 1.22 36.01 -18.58
CA ASN C 69 1.27 37.38 -18.09
C ASN C 69 1.22 37.40 -16.57
N ASN C 70 0.16 37.99 -16.03
N ASN C 70 0.18 38.01 -16.01
CA ASN C 70 -0.04 38.08 -14.59
CA ASN C 70 0.00 38.05 -14.57
C ASN C 70 -1.08 37.08 -14.09
C ASN C 70 -1.09 37.08 -14.09
N THR C 71 -1.28 35.97 -14.80
CA THR C 71 -2.33 35.02 -14.48
C THR C 71 -1.80 33.60 -14.50
N LEU C 72 -2.43 32.75 -13.69
CA LEU C 72 -2.24 31.31 -13.73
C LEU C 72 -3.44 30.69 -14.43
N VAL C 73 -3.19 29.87 -15.44
CA VAL C 73 -4.22 29.37 -16.35
C VAL C 73 -4.40 27.86 -16.12
N CYS C 74 -5.61 27.46 -15.76
CA CYS C 74 -5.88 26.03 -15.59
C CYS C 74 -5.82 25.30 -16.92
N PRO C 75 -5.23 24.10 -16.98
CA PRO C 75 -5.08 23.41 -18.26
C PRO C 75 -6.36 22.82 -18.83
N TYR C 76 -7.39 22.60 -18.02
CA TYR C 76 -8.53 21.80 -18.48
C TYR C 76 -9.48 22.61 -19.34
N HIS C 77 -9.99 23.72 -18.81
CA HIS C 77 -10.84 24.63 -19.59
C HIS C 77 -10.28 26.05 -19.66
N GLY C 78 -9.04 26.25 -19.19
CA GLY C 78 -8.37 27.51 -19.42
C GLY C 78 -8.84 28.69 -18.60
N TRP C 79 -9.51 28.46 -17.47
CA TRP C 79 -9.87 29.58 -16.61
C TRP C 79 -8.60 30.26 -16.12
N ARG C 80 -8.61 31.59 -16.15
CA ARG C 80 -7.45 32.40 -15.85
C ARG C 80 -7.64 33.11 -14.51
N TYR C 81 -6.67 32.95 -13.61
CA TYR C 81 -6.74 33.45 -12.25
C TYR C 81 -5.64 34.49 -12.07
N ASN C 82 -6.03 35.68 -11.62
CA ASN C 82 -5.05 36.76 -11.48
C ASN C 82 -4.26 36.57 -10.18
N GLN C 83 -3.34 37.51 -9.92
CA GLN C 83 -2.44 37.37 -8.78
C GLN C 83 -3.16 37.36 -7.44
N ALA C 84 -4.35 37.96 -7.37
CA ALA C 84 -5.16 37.92 -6.16
C ALA C 84 -5.98 36.64 -6.03
N GLY C 85 -5.93 35.75 -7.03
CA GLY C 85 -6.70 34.53 -6.98
C GLY C 85 -8.04 34.60 -7.67
N LYS C 86 -8.45 35.76 -8.17
CA LYS C 86 -9.77 35.91 -8.78
C LYS C 86 -9.75 35.42 -10.22
N CYS C 87 -10.74 34.62 -10.58
CA CYS C 87 -10.89 34.25 -11.98
C CYS C 87 -11.30 35.48 -12.77
N VAL C 88 -10.54 35.81 -13.80
CA VAL C 88 -10.79 36.99 -14.62
C VAL C 88 -11.34 36.65 -15.99
N GLN C 89 -11.28 35.39 -16.40
CA GLN C 89 -11.65 35.03 -17.75
C GLN C 89 -12.06 33.56 -17.79
N ILE C 90 -13.26 33.29 -18.30
CA ILE C 90 -13.71 31.93 -18.61
C ILE C 90 -13.84 31.83 -20.13
N PRO C 91 -12.89 31.17 -20.79
CA PRO C 91 -12.83 31.25 -22.26
C PRO C 91 -14.05 30.68 -22.99
N ALA C 92 -14.82 29.78 -22.39
CA ALA C 92 -16.05 29.33 -23.04
C ALA C 92 -17.09 30.44 -23.15
N HIS C 93 -16.93 31.50 -22.38
CA HIS C 93 -17.91 32.58 -22.28
C HIS C 93 -17.12 33.88 -22.17
N PRO C 94 -16.46 34.28 -23.26
CA PRO C 94 -15.45 35.36 -23.17
C PRO C 94 -15.97 36.66 -22.59
N ASP C 95 -17.25 36.97 -22.75
CA ASP C 95 -17.79 38.25 -22.29
C ASP C 95 -18.47 38.15 -20.93
N MET C 96 -18.53 36.97 -20.33
CA MET C 96 -19.22 36.78 -19.07
C MET C 96 -18.35 37.21 -17.89
N VAL C 97 -18.97 37.80 -16.88
CA VAL C 97 -18.30 38.05 -15.61
C VAL C 97 -18.30 36.74 -14.83
N PRO C 98 -17.15 36.18 -14.49
CA PRO C 98 -17.11 34.88 -13.83
C PRO C 98 -17.92 34.90 -12.54
N PRO C 99 -18.48 33.77 -12.14
CA PRO C 99 -19.12 33.67 -10.82
C PRO C 99 -18.18 34.17 -9.72
N ALA C 100 -18.76 34.76 -8.68
CA ALA C 100 -17.94 35.26 -7.59
C ALA C 100 -17.18 34.12 -6.91
N SER C 101 -17.76 32.93 -6.92
CA SER C 101 -17.13 31.73 -6.37
C SER C 101 -15.91 31.27 -7.15
N ALA C 102 -15.72 31.76 -8.38
CA ALA C 102 -14.62 31.34 -9.24
C ALA C 102 -13.37 32.06 -8.78
N GLN C 103 -12.69 31.43 -7.82
CA GLN C 103 -11.66 32.08 -7.04
C GLN C 103 -10.79 31.00 -6.41
N ALA C 104 -9.47 31.20 -6.47
CA ALA C 104 -8.56 30.28 -5.80
C ALA C 104 -8.53 30.55 -4.31
N LYS C 105 -8.34 29.49 -3.53
CA LYS C 105 -8.12 29.64 -2.09
C LYS C 105 -6.68 30.11 -1.89
N THR C 106 -6.50 31.32 -1.40
CA THR C 106 -5.18 31.93 -1.29
C THR C 106 -4.74 31.99 0.17
N TYR C 107 -3.42 31.91 0.37
CA TYR C 107 -2.81 31.89 1.68
C TYR C 107 -1.79 33.01 1.80
N HIS C 108 -1.54 33.44 3.03
CA HIS C 108 -0.54 34.47 3.28
C HIS C 108 0.86 33.93 3.00
N CYS C 109 1.67 34.75 2.33
N CYS C 109 1.68 34.74 2.35
CA CYS C 109 3.04 34.43 1.99
CA CYS C 109 3.06 34.32 2.13
C CYS C 109 3.94 35.61 2.33
C CYS C 109 3.99 35.52 2.17
N GLN C 110 5.16 35.32 2.77
CA GLN C 110 6.14 36.36 3.00
C GLN C 110 7.51 35.78 2.75
N GLU C 111 8.35 36.53 2.03
CA GLU C 111 9.74 36.15 1.87
C GLU C 111 10.54 36.73 3.02
N ARG C 112 11.28 35.89 3.72
CA ARG C 112 12.13 36.37 4.80
C ARG C 112 13.30 35.42 4.96
N TYR C 113 14.50 35.98 5.09
CA TYR C 113 15.75 35.22 5.20
C TYR C 113 16.02 34.39 3.94
N GLY C 114 15.49 34.82 2.80
CA GLY C 114 15.59 34.04 1.58
C GLY C 114 14.70 32.81 1.53
N LEU C 115 13.79 32.65 2.50
CA LEU C 115 12.86 31.54 2.54
C LEU C 115 11.44 32.04 2.28
N VAL C 116 10.59 31.13 1.78
CA VAL C 116 9.19 31.44 1.52
C VAL C 116 8.38 30.92 2.70
N TRP C 117 7.81 31.84 3.48
CA TRP C 117 7.01 31.47 4.64
C TRP C 117 5.53 31.56 4.30
N VAL C 118 4.76 30.58 4.77
CA VAL C 118 3.34 30.49 4.47
C VAL C 118 2.55 30.36 5.76
N CYS C 119 1.46 31.10 5.87
CA CYS C 119 0.51 30.92 6.95
C CYS C 119 -0.83 30.51 6.35
N LEU C 120 -1.31 29.33 6.72
CA LEU C 120 -2.58 28.85 6.20
C LEU C 120 -3.78 29.39 6.97
N GLY C 121 -3.53 30.12 8.05
CA GLY C 121 -4.62 30.58 8.88
C GLY C 121 -4.59 32.08 9.05
N ASN C 122 -4.71 32.51 10.30
CA ASN C 122 -4.67 33.95 10.61
C ASN C 122 -3.30 34.24 11.22
N PRO C 123 -2.42 35.02 10.55
CA PRO C 123 -1.06 35.25 11.03
C PRO C 123 -1.29 36.00 12.36
N VAL C 124 -1.04 35.32 13.48
CA VAL C 124 -1.19 35.91 14.83
C VAL C 124 0.28 36.15 15.19
N ASN C 125 1.13 35.14 14.98
CA ASN C 125 2.53 35.28 15.38
C ASN C 125 3.37 35.80 14.22
N ASP C 126 4.50 36.39 14.58
CA ASP C 126 5.45 36.83 13.56
C ASP C 126 6.42 35.70 13.21
N ILE C 127 7.12 35.89 12.10
CA ILE C 127 8.16 34.94 11.68
C ILE C 127 9.27 34.96 12.72
N PRO C 128 9.90 33.83 13.06
CA PRO C 128 10.96 33.84 14.09
C PRO C 128 12.08 34.80 13.75
N SER C 129 12.69 35.36 14.79
CA SER C 129 13.79 36.31 14.65
C SER C 129 15.09 35.60 14.32
N PHE C 130 15.93 36.28 13.54
CA PHE C 130 17.24 35.73 13.15
C PHE C 130 18.22 36.90 13.06
N PRO C 131 18.83 37.28 14.19
CA PRO C 131 19.59 38.55 14.24
C PRO C 131 20.75 38.64 13.26
N GLU C 132 21.55 37.57 13.12
CA GLU C 132 22.74 37.64 12.26
C GLU C 132 22.40 37.86 10.79
N TRP C 133 21.12 37.77 10.39
CA TRP C 133 20.78 38.03 9.00
C TRP C 133 21.20 39.43 8.57
N ASP C 134 21.05 40.40 9.46
CA ASP C 134 21.40 41.79 9.19
C ASP C 134 22.85 42.13 9.52
N ASP C 135 23.70 41.13 9.73
CA ASP C 135 25.08 41.40 10.16
C ASP C 135 26.04 41.14 9.01
N PRO C 136 26.71 42.17 8.49
CA PRO C 136 27.57 41.98 7.32
C PRO C 136 28.83 41.18 7.60
N ASN C 137 29.14 40.88 8.87
CA ASN C 137 30.27 40.01 9.19
C ASN C 137 29.95 38.55 8.95
N TYR C 138 28.67 38.19 8.78
CA TYR C 138 28.27 36.80 8.70
C TYR C 138 27.94 36.44 7.25
N HIS C 139 28.55 35.36 6.77
CA HIS C 139 28.18 34.73 5.52
C HIS C 139 26.99 33.80 5.75
N LYS C 140 26.34 33.40 4.66
CA LYS C 140 25.17 32.53 4.77
C LYS C 140 25.24 31.39 3.76
N THR C 141 24.58 30.29 4.12
CA THR C 141 24.42 29.17 3.21
C THR C 141 23.17 28.40 3.61
N TYR C 142 22.64 27.65 2.65
CA TYR C 142 21.42 26.89 2.82
C TYR C 142 21.71 25.43 2.56
N THR C 143 21.27 24.56 3.46
CA THR C 143 21.32 23.14 3.17
C THR C 143 20.26 22.80 2.13
N LYS C 144 20.43 21.66 1.47
CA LYS C 144 19.30 21.13 0.73
C LYS C 144 18.17 20.83 1.70
N SER C 145 16.99 20.58 1.16
N SER C 145 17.01 20.48 1.15
CA SER C 145 15.91 20.12 2.01
CA SER C 145 15.86 20.12 1.97
C SER C 145 16.09 18.63 2.28
C SER C 145 15.86 18.61 2.19
N TYR C 146 15.58 18.19 3.42
CA TYR C 146 15.60 16.78 3.81
C TYR C 146 14.18 16.33 4.09
N LEU C 147 13.68 15.40 3.29
CA LEU C 147 12.37 14.83 3.55
C LEU C 147 12.55 13.70 4.56
N ILE C 148 11.89 13.78 5.70
CA ILE C 148 12.08 12.84 6.80
C ILE C 148 10.74 12.19 7.08
N GLN C 149 10.71 10.85 7.08
CA GLN C 149 9.50 10.09 7.42
C GLN C 149 9.40 9.95 8.94
N ALA C 150 9.12 11.08 9.59
CA ALA C 150 8.89 11.10 11.02
C ALA C 150 7.99 12.29 11.32
N SER C 151 7.28 12.23 12.45
CA SER C 151 6.51 13.38 12.89
C SER C 151 7.41 14.62 13.00
N PRO C 152 6.94 15.80 12.58
CA PRO C 152 7.76 17.01 12.74
C PRO C 152 8.15 17.26 14.18
N PHE C 153 7.32 16.84 15.13
CA PHE C 153 7.67 17.05 16.54
C PHE C 153 8.71 16.06 17.03
N ARG C 154 8.72 14.85 16.45
CA ARG C 154 9.85 13.95 16.70
C ARG C 154 11.13 14.53 16.13
N VAL C 155 11.06 15.14 14.94
CA VAL C 155 12.25 15.76 14.37
C VAL C 155 12.78 16.85 15.30
N MET C 156 11.89 17.68 15.84
CA MET C 156 12.37 18.75 16.71
C MET C 156 12.87 18.22 18.04
N ASP C 157 12.20 17.20 18.57
CA ASP C 157 12.66 16.52 19.78
C ASP C 157 14.10 16.06 19.63
N ASN C 158 14.41 15.44 18.49
CA ASN C 158 15.77 14.97 18.25
C ASN C 158 16.75 16.13 18.16
N SER C 159 16.31 17.29 17.65
N SER C 159 16.30 17.29 17.65
CA SER C 159 17.20 18.44 17.59
CA SER C 159 17.17 18.45 17.58
C SER C 159 17.41 19.11 18.94
C SER C 159 17.42 19.09 18.94
N ILE C 160 16.51 18.89 19.90
CA ILE C 160 16.70 19.46 21.24
C ILE C 160 17.56 18.54 22.11
N ASP C 161 17.42 17.22 21.89
CA ASP C 161 18.27 16.20 22.50
C ASP C 161 19.75 16.49 22.29
N VAL C 162 20.52 16.51 23.38
CA VAL C 162 21.97 16.68 23.29
C VAL C 162 22.76 15.45 23.75
N SER C 163 22.16 14.53 24.51
CA SER C 163 22.94 13.42 25.04
C SER C 163 23.28 12.35 24.01
N HIS C 164 22.68 12.40 22.82
CA HIS C 164 23.01 11.42 21.79
C HIS C 164 24.30 11.73 21.03
N PHE C 165 24.89 12.91 21.23
CA PHE C 165 26.04 13.31 20.42
C PHE C 165 27.19 12.30 20.42
N PRO C 166 27.61 11.72 21.55
CA PRO C 166 28.75 10.81 21.51
C PRO C 166 28.45 9.51 20.81
N PHE C 167 27.18 9.23 20.52
CA PHE C 167 26.83 7.92 19.99
C PHE C 167 26.61 8.03 18.50
N ILE C 168 25.51 8.65 18.06
CA ILE C 168 25.29 8.68 16.62
C ILE C 168 26.09 9.75 15.90
N HIS C 169 26.66 10.72 16.61
CA HIS C 169 27.53 11.74 16.02
C HIS C 169 28.97 11.61 16.48
N ASP C 170 29.37 10.42 16.93
CA ASP C 170 30.75 10.18 17.34
C ASP C 170 31.71 10.61 16.22
N GLY C 171 32.68 11.46 16.56
CA GLY C 171 33.59 11.99 15.59
C GLY C 171 33.17 13.29 14.92
N TRP C 172 31.92 13.71 15.10
CA TRP C 172 31.43 14.96 14.53
C TRP C 172 30.97 15.95 15.61
N LEU C 173 30.03 15.58 16.45
CA LEU C 173 29.57 16.47 17.52
C LEU C 173 29.90 15.95 18.90
N GLY C 174 30.36 14.71 19.00
CA GLY C 174 30.71 14.14 20.27
C GLY C 174 31.85 13.18 20.10
N ASP C 175 32.19 12.52 21.21
CA ASP C 175 33.35 11.65 21.33
C ASP C 175 32.92 10.50 22.21
N ARG C 176 32.95 9.28 21.67
CA ARG C 176 32.52 8.12 22.43
C ARG C 176 33.28 7.95 23.74
N ASN C 177 34.44 8.59 23.89
CA ASN C 177 35.19 8.51 25.14
C ASN C 177 34.69 9.45 26.21
N TYR C 178 33.84 10.43 25.87
CA TYR C 178 33.33 11.40 26.83
C TYR C 178 31.82 11.42 26.71
N THR C 179 31.16 10.52 27.43
CA THR C 179 29.72 10.32 27.28
C THR C 179 28.91 10.98 28.38
N LYS C 180 29.53 11.28 29.52
CA LYS C 180 28.81 11.95 30.60
C LYS C 180 28.35 13.32 30.14
N VAL C 181 27.12 13.67 30.49
CA VAL C 181 26.52 14.93 30.08
C VAL C 181 26.49 15.82 31.31
N GLU C 182 27.20 16.95 31.23
CA GLU C 182 27.24 17.88 32.34
C GLU C 182 25.88 18.56 32.50
N ASP C 183 25.66 19.13 33.68
CA ASP C 183 24.42 19.84 33.96
C ASP C 183 24.28 21.05 33.03
N PHE C 184 23.04 21.33 32.65
CA PHE C 184 22.74 22.51 31.86
C PHE C 184 21.34 22.96 32.26
N GLU C 185 20.97 24.16 31.84
CA GLU C 185 19.68 24.73 32.22
C GLU C 185 18.77 24.89 31.01
N VAL C 186 17.47 24.74 31.27
CA VAL C 186 16.41 24.91 30.29
CA VAL C 186 16.43 24.95 30.27
C VAL C 186 15.33 25.78 30.92
N LYS C 187 14.71 26.64 30.12
CA LYS C 187 13.62 27.51 30.55
C LYS C 187 12.54 27.46 29.50
N VAL C 188 11.28 27.32 29.94
CA VAL C 188 10.11 27.55 29.09
C VAL C 188 9.36 28.75 29.64
N ASP C 189 9.19 29.78 28.82
CA ASP C 189 8.42 30.98 29.24
C ASP C 189 7.67 31.51 28.02
N LYS C 190 7.26 32.77 28.06
CA LYS C 190 6.49 33.38 26.94
C LYS C 190 7.35 33.51 25.68
N ASP C 191 8.66 33.71 25.84
CA ASP C 191 9.57 33.69 24.70
C ASP C 191 9.79 32.29 24.16
N GLY C 192 9.17 31.27 24.75
CA GLY C 192 9.32 29.91 24.28
C GLY C 192 10.27 29.08 25.12
N LEU C 193 11.05 28.25 24.45
CA LEU C 193 11.96 27.32 25.11
C LEU C 193 13.38 27.76 24.83
N THR C 194 14.16 27.95 25.90
CA THR C 194 15.57 28.36 25.74
C THR C 194 16.48 27.35 26.45
N MET C 195 17.37 26.73 25.70
CA MET C 195 18.36 25.84 26.33
C MET C 195 19.62 26.67 26.57
N GLY C 196 20.12 26.61 27.81
CA GLY C 196 21.30 27.40 28.18
C GLY C 196 22.58 26.82 27.65
N LYS C 197 23.69 27.42 28.05
CA LYS C 197 24.98 27.00 27.46
C LYS C 197 25.39 25.60 27.90
N TYR C 198 25.87 24.82 26.95
CA TYR C 198 26.39 23.49 27.23
C TYR C 198 27.55 23.27 26.27
N GLN C 199 28.49 22.42 26.71
CA GLN C 199 29.64 22.08 25.85
C GLN C 199 29.87 20.57 25.88
N PHE C 200 30.27 20.01 24.75
CA PHE C 200 30.57 18.56 24.70
C PHE C 200 32.08 18.36 24.62
N GLN C 201 32.60 17.54 25.53
CA GLN C 201 34.06 17.31 25.58
C GLN C 201 34.46 16.38 24.44
N THR C 202 35.34 16.86 23.58
CA THR C 202 35.87 16.00 22.49
C THR C 202 37.37 15.80 22.79
N ASP C 212 39.54 24.44 20.21
CA ASP C 212 39.00 24.19 21.54
C ASP C 212 37.49 23.99 21.47
N SER C 213 36.88 23.57 22.58
CA SER C 213 35.50 23.08 22.57
C SER C 213 34.52 24.17 22.14
N TRP C 214 33.42 23.73 21.56
CA TRP C 214 32.34 24.62 21.14
C TRP C 214 31.31 24.77 22.26
N VAL C 215 30.87 26.00 22.48
CA VAL C 215 29.83 26.30 23.46
C VAL C 215 28.55 26.64 22.68
N ASN C 216 27.45 26.03 23.10
CA ASN C 216 26.21 26.08 22.33
C ASN C 216 25.04 26.45 23.20
N TRP C 217 24.04 27.09 22.59
CA TRP C 217 22.73 27.30 23.19
C TRP C 217 21.74 27.46 22.05
N PHE C 218 20.47 27.36 22.38
CA PHE C 218 19.45 27.53 21.33
C PHE C 218 18.14 27.98 21.95
N ARG C 219 17.28 28.51 21.10
CA ARG C 219 15.96 28.98 21.51
C ARG C 219 14.92 28.63 20.47
N LEU C 220 13.74 28.23 20.94
CA LEU C 220 12.56 28.04 20.11
C LEU C 220 11.49 28.99 20.59
N SER C 221 11.02 29.87 19.71
CA SER C 221 9.82 30.65 20.00
C SER C 221 8.60 30.05 19.32
N HIS C 222 8.84 29.34 18.23
CA HIS C 222 8.02 28.56 17.35
C HIS C 222 8.35 27.09 17.61
N PRO C 223 7.38 26.21 17.87
CA PRO C 223 7.75 24.81 18.21
C PRO C 223 8.39 24.03 17.08
N LEU C 224 8.35 24.52 15.83
CA LEU C 224 8.99 23.83 14.73
C LEU C 224 10.13 24.65 14.10
N CYS C 225 10.60 25.68 14.80
CA CYS C 225 11.76 26.43 14.36
CA CYS C 225 11.74 26.48 14.37
C CYS C 225 12.74 26.58 15.52
N GLN C 226 14.02 26.36 15.23
CA GLN C 226 15.06 26.42 16.25
C GLN C 226 16.16 27.38 15.81
N TYR C 227 16.51 28.30 16.70
CA TYR C 227 17.63 29.22 16.50
C TYR C 227 18.78 28.71 17.36
N CYS C 228 19.84 28.25 16.70
N CYS C 228 19.88 28.31 16.71
CA CYS C 228 20.98 27.65 17.37
CA CYS C 228 20.95 27.59 17.40
C CYS C 228 22.18 28.55 17.28
C CYS C 228 22.29 28.31 17.23
N VAL C 229 22.98 28.55 18.35
CA VAL C 229 24.22 29.30 18.39
C VAL C 229 25.33 28.36 18.83
N SER C 230 26.44 28.35 18.10
N SER C 230 26.43 28.35 18.09
CA SER C 230 27.61 27.59 18.47
CA SER C 230 27.62 27.60 18.46
C SER C 230 28.84 28.50 18.38
C SER C 230 28.81 28.53 18.40
N GLU C 231 29.59 28.58 19.48
CA GLU C 231 30.74 29.47 19.54
C GLU C 231 31.96 28.71 20.05
N SER C 232 33.06 28.87 19.34
CA SER C 232 34.39 28.43 19.74
C SER C 232 35.29 29.67 19.69
N PRO C 233 36.52 29.61 20.24
CA PRO C 233 37.39 30.79 20.15
C PRO C 233 37.64 31.27 18.73
N GLU C 234 37.54 30.38 17.75
CA GLU C 234 37.86 30.76 16.37
C GLU C 234 36.70 31.51 15.71
N MET C 235 35.49 30.97 15.76
CA MET C 235 34.38 31.68 15.11
C MET C 235 33.05 31.28 15.73
N ARG C 236 32.01 31.95 15.27
CA ARG C 236 30.64 31.79 15.75
C ARG C 236 29.78 31.33 14.58
N ILE C 237 28.97 30.30 14.81
CA ILE C 237 28.05 29.76 13.82
C ILE C 237 26.65 29.83 14.39
N VAL C 238 25.71 30.38 13.61
CA VAL C 238 24.32 30.37 14.01
C VAL C 238 23.54 29.70 12.89
N ASP C 239 22.44 29.05 13.25
CA ASP C 239 21.57 28.55 12.20
C ASP C 239 20.12 28.65 12.63
N LEU C 240 19.27 28.75 11.61
CA LEU C 240 17.85 28.75 11.76
C LEU C 240 17.37 27.43 11.17
N MET C 241 16.96 26.49 12.02
CA MET C 241 16.44 25.23 11.54
C MET C 241 14.93 25.31 11.46
N THR C 242 14.38 24.96 10.30
CA THR C 242 12.94 24.96 10.12
C THR C 242 12.45 23.58 9.73
N ILE C 243 11.34 23.16 10.32
CA ILE C 243 10.75 21.85 10.07
C ILE C 243 9.35 22.10 9.54
N ALA C 244 9.15 21.83 8.26
CA ALA C 244 7.84 22.00 7.66
C ALA C 244 7.00 20.75 7.94
N PRO C 245 5.86 20.89 8.60
CA PRO C 245 5.05 19.72 8.88
C PRO C 245 4.21 19.34 7.67
N ILE C 246 4.68 18.38 6.87
CA ILE C 246 3.93 17.95 5.69
C ILE C 246 2.59 17.35 6.09
N ASP C 247 2.61 16.37 6.98
CA ASP C 247 1.43 15.87 7.65
C ASP C 247 1.89 15.41 9.04
N GLU C 248 1.08 14.59 9.71
CA GLU C 248 1.45 14.19 11.07
C GLU C 248 2.67 13.29 11.12
N ASP C 249 3.05 12.67 10.00
CA ASP C 249 4.06 11.62 10.00
C ASP C 249 5.23 11.92 9.05
N ASN C 250 5.28 13.12 8.46
CA ASN C 250 6.30 13.45 7.46
C ASN C 250 6.69 14.90 7.58
N SER C 251 7.98 15.18 7.40
CA SER C 251 8.55 16.49 7.65
C SER C 251 9.55 16.83 6.58
N VAL C 252 9.77 18.12 6.38
CA VAL C 252 10.87 18.63 5.55
C VAL C 252 11.75 19.51 6.43
N LEU C 253 13.02 19.12 6.53
CA LEU C 253 13.99 19.82 7.36
C LEU C 253 14.83 20.71 6.47
N ARG C 254 14.97 21.98 6.87
CA ARG C 254 15.88 22.91 6.22
C ARG C 254 16.70 23.63 7.27
N MET C 255 17.92 24.01 6.89
CA MET C 255 18.76 24.82 7.76
C MET C 255 19.32 26.01 6.99
N LEU C 256 19.22 27.19 7.59
CA LEU C 256 19.91 28.39 7.14
C LEU C 256 21.08 28.61 8.10
N ILE C 257 22.29 28.57 7.58
CA ILE C 257 23.51 28.57 8.40
C ILE C 257 24.25 29.87 8.14
N MET C 258 24.66 30.56 9.21
CA MET C 258 25.46 31.76 9.11
C MET C 258 26.68 31.67 10.02
N TRP C 259 27.82 32.19 9.54
CA TRP C 259 29.05 32.11 10.30
C TRP C 259 29.92 33.30 9.94
N ASN C 260 30.80 33.68 10.88
CA ASN C 260 31.63 34.87 10.69
C ASN C 260 33.09 34.55 10.40
N GLY C 261 33.43 33.29 10.16
CA GLY C 261 34.75 32.93 9.67
C GLY C 261 34.85 33.16 8.17
N SER C 262 35.86 32.53 7.56
CA SER C 262 36.06 32.68 6.11
C SER C 262 34.91 32.07 5.31
N GLU C 263 34.52 32.78 4.24
CA GLU C 263 33.50 32.28 3.33
C GLU C 263 33.88 30.93 2.71
N MET C 264 35.18 30.62 2.66
CA MET C 264 35.64 29.39 2.02
C MET C 264 35.28 28.13 2.79
N LEU C 265 34.80 28.26 4.02
CA LEU C 265 34.42 27.09 4.82
C LEU C 265 33.09 26.50 4.40
N GLU C 266 32.38 27.14 3.46
CA GLU C 266 31.01 26.75 3.16
C GLU C 266 30.89 25.27 2.81
N SER C 267 31.78 24.78 1.93
CA SER C 267 31.64 23.41 1.44
C SER C 267 31.82 22.39 2.57
N LYS C 268 32.81 22.61 3.43
CA LYS C 268 33.02 21.71 4.56
C LYS C 268 31.85 21.76 5.53
N MET C 269 31.31 22.96 5.78
CA MET C 269 30.19 23.08 6.71
C MET C 269 28.97 22.36 6.19
N LEU C 270 28.68 22.50 4.90
CA LEU C 270 27.55 21.78 4.32
C LEU C 270 27.73 20.27 4.45
N THR C 271 28.97 19.79 4.31
CA THR C 271 29.22 18.36 4.44
C THR C 271 29.05 17.91 5.88
N GLU C 272 29.53 18.73 6.82
CA GLU C 272 29.38 18.39 8.24
C GLU C 272 27.90 18.34 8.63
N TYR C 273 27.12 19.32 8.18
CA TYR C 273 25.68 19.29 8.42
C TYR C 273 25.04 18.10 7.72
N ASP C 274 25.43 17.81 6.48
CA ASP C 274 24.86 16.66 5.80
C ASP C 274 25.15 15.37 6.55
N GLU C 275 26.39 15.19 7.03
CA GLU C 275 26.74 13.98 7.76
C GLU C 275 25.89 13.82 9.02
N THR C 276 25.77 14.89 9.81
CA THR C 276 25.08 14.77 11.09
C THR C 276 23.57 14.70 10.90
N ILE C 277 23.01 15.44 9.94
CA ILE C 277 21.58 15.32 9.66
C ILE C 277 21.24 13.89 9.25
N GLU C 278 22.06 13.27 8.41
CA GLU C 278 21.70 11.93 7.97
C GLU C 278 21.86 10.92 9.11
N GLN C 279 22.83 11.13 9.99
CA GLN C 279 22.93 10.30 11.19
C GLN C 279 21.66 10.39 12.03
N ASP C 280 21.12 11.62 12.19
CA ASP C 280 19.85 11.79 12.91
C ASP C 280 18.69 11.14 12.17
N ILE C 281 18.64 11.25 10.84
CA ILE C 281 17.51 10.71 10.10
C ILE C 281 17.41 9.20 10.27
N ARG C 282 18.55 8.50 10.31
CA ARG C 282 18.53 7.06 10.53
CA ARG C 282 18.50 7.06 10.50
C ARG C 282 17.79 6.70 11.81
N ILE C 283 18.00 7.48 12.87
CA ILE C 283 17.27 7.26 14.12
C ILE C 283 15.81 7.67 13.98
N LEU C 284 15.56 8.86 13.41
CA LEU C 284 14.19 9.37 13.34
C LEU C 284 13.27 8.42 12.61
N HIS C 285 13.73 7.86 11.48
CA HIS C 285 12.92 6.95 10.67
C HIS C 285 12.55 5.68 11.44
N SER C 286 13.34 5.30 12.45
CA SER C 286 13.14 4.05 13.16
C SER C 286 12.30 4.19 14.42
N GLN C 287 12.04 5.41 14.90
CA GLN C 287 11.49 5.55 16.24
C GLN C 287 10.01 5.17 16.27
N GLN C 288 9.62 4.47 17.32
N GLN C 288 9.61 4.52 17.36
CA GLN C 288 8.21 4.14 17.42
CA GLN C 288 8.29 3.97 17.58
C GLN C 288 7.71 4.49 18.81
C GLN C 288 7.74 4.54 18.89
N PRO C 289 6.49 5.04 18.93
CA PRO C 289 5.60 5.29 17.79
C PRO C 289 6.04 6.47 16.95
N ALA C 290 5.40 6.69 15.82
CA ALA C 290 5.82 7.76 14.93
C ALA C 290 5.51 9.13 15.51
N ARG C 291 4.35 9.28 16.15
CA ARG C 291 4.05 10.54 16.82
C ARG C 291 4.89 10.68 18.09
N LEU C 292 5.22 11.92 18.43
CA LEU C 292 5.97 12.19 19.65
C LEU C 292 5.08 11.96 20.88
N PRO C 293 5.48 11.12 21.82
CA PRO C 293 4.67 10.92 23.04
C PRO C 293 4.84 12.11 23.98
N LEU C 294 3.73 12.62 24.48
CA LEU C 294 3.78 13.68 25.47
C LEU C 294 3.89 13.06 26.86
N LEU C 295 3.95 13.90 27.89
CA LEU C 295 4.09 13.40 29.25
C LEU C 295 2.75 12.90 29.80
N ALA C 296 2.83 11.96 30.72
CA ALA C 296 1.70 11.56 31.56
C ALA C 296 0.44 11.20 30.78
N PRO C 297 0.50 10.18 29.91
CA PRO C 297 -0.69 9.81 29.14
C PRO C 297 -1.71 9.05 29.96
N GLY C 304 0.76 -1.19 22.16
CA GLY C 304 1.29 -1.85 23.33
C GLY C 304 2.79 -1.64 23.56
N LEU C 305 3.19 -0.37 23.68
CA LEU C 305 4.56 0.01 23.93
C LEU C 305 4.69 0.71 25.28
N PRO C 306 5.76 0.48 26.03
CA PRO C 306 5.91 1.14 27.33
C PRO C 306 6.07 2.66 27.17
N GLN C 307 5.83 3.37 28.27
CA GLN C 307 5.95 4.82 28.28
C GLN C 307 7.42 5.23 28.35
N GLU C 308 7.72 6.42 27.82
CA GLU C 308 9.11 6.84 27.74
C GLU C 308 9.71 7.05 29.13
N ILE C 309 11.03 6.84 29.21
CA ILE C 309 11.80 7.07 30.42
C ILE C 309 12.58 8.37 30.27
N HIS C 310 12.73 9.10 31.37
CA HIS C 310 13.47 10.37 31.36
C HIS C 310 14.56 10.37 32.42
N VAL C 311 15.75 10.79 32.03
CA VAL C 311 16.88 10.94 32.94
C VAL C 311 17.24 12.43 32.99
N PRO C 312 18.12 12.90 33.88
CA PRO C 312 18.31 14.36 34.01
C PRO C 312 18.76 15.04 32.72
N SER C 313 19.62 14.41 31.94
CA SER C 313 20.04 15.02 30.68
C SER C 313 18.93 15.11 29.65
N ASP C 314 17.74 14.55 29.92
CA ASP C 314 16.58 14.73 29.06
C ASP C 314 15.79 15.98 29.41
N ARG C 315 16.32 16.86 30.29
CA ARG C 315 15.51 17.97 30.78
C ARG C 315 14.99 18.86 29.64
N GLY C 316 15.75 18.98 28.55
CA GLY C 316 15.28 19.81 27.45
C GLY C 316 14.16 19.17 26.67
N THR C 317 14.26 17.86 26.42
CA THR C 317 13.19 17.20 25.66
C THR C 317 11.96 16.98 26.53
N VAL C 318 12.15 16.86 27.85
CA VAL C 318 11.02 16.86 28.77
C VAL C 318 10.31 18.21 28.75
N ALA C 319 11.10 19.29 28.81
CA ALA C 319 10.50 20.62 28.76
C ALA C 319 9.79 20.87 27.44
N TYR C 320 10.32 20.30 26.36
CA TYR C 320 9.67 20.43 25.06
C TYR C 320 8.30 19.75 25.07
N ARG C 321 8.23 18.53 25.60
CA ARG C 321 6.94 17.83 25.66
C ARG C 321 5.96 18.59 26.55
N ARG C 322 6.42 19.13 27.68
CA ARG C 322 5.56 19.96 28.53
C ARG C 322 5.06 21.20 27.77
N TRP C 323 5.96 21.84 27.02
CA TRP C 323 5.58 23.02 26.24
C TRP C 323 4.50 22.69 25.22
N LEU C 324 4.65 21.56 24.52
CA LEU C 324 3.66 21.23 23.49
C LEU C 324 2.28 20.97 24.11
N LYS C 325 2.24 20.37 25.30
CA LYS C 325 0.94 20.15 25.94
C LYS C 325 0.29 21.48 26.34
N GLU C 326 1.06 22.40 26.92
N GLU C 326 1.07 22.39 26.92
CA GLU C 326 0.49 23.69 27.30
CA GLU C 326 0.50 23.69 27.30
C GLU C 326 0.10 24.51 26.07
C GLU C 326 0.09 24.49 26.07
N LEU C 327 0.78 24.30 24.94
CA LEU C 327 0.38 24.94 23.68
C LEU C 327 -0.81 24.25 23.03
N GLY C 328 -1.24 23.10 23.53
CA GLY C 328 -2.39 22.42 22.96
C GLY C 328 -2.14 21.67 21.67
N VAL C 329 -0.92 21.20 21.43
CA VAL C 329 -0.64 20.45 20.21
C VAL C 329 -1.27 19.08 20.30
N THR C 330 -1.98 18.68 19.25
CA THR C 330 -2.48 17.32 19.10
C THR C 330 -2.05 16.67 17.79
N TYR C 331 -1.55 17.44 16.85
CA TYR C 331 -1.13 16.98 15.53
C TYR C 331 0.29 16.42 15.61
N GLY C 332 0.48 15.16 15.17
CA GLY C 332 1.80 14.57 15.18
C GLY C 332 2.34 14.19 16.54
N VAL C 333 1.51 14.22 17.57
CA VAL C 333 1.90 13.84 18.92
C VAL C 333 0.88 12.83 19.43
N CYS C 334 1.26 12.11 20.49
CA CYS C 334 0.41 11.07 21.04
C CYS C 334 0.65 10.87 22.54
#